data_7EDB
#
_entry.id   7EDB
#
_cell.length_a   156.291
_cell.length_b   156.291
_cell.length_c   173.049
_cell.angle_alpha   90.000
_cell.angle_beta   90.000
_cell.angle_gamma   120.000
#
_symmetry.space_group_name_H-M   'P 64 2 2'
#
loop_
_entity.id
_entity.type
_entity.pdbx_description
1 polymer 'EcoT38I restriction endonuclease'
2 polymer "DNA (5'-D(*GP*GP*CP*AP*GP*AP*GP*CP*TP*CP*AP*CP*G)-3')"
3 polymer "DNA (5'-D(P*CP*GP*TP*GP*AP*GP*CP*TP*CP*TP*GP*C)-3')"
4 non-polymer 'CALCIUM ION'
5 non-polymer 2-AMINO-2-HYDROXYMETHYL-PROPANE-1,3-DIOL
6 non-polymer GLYCEROL
7 non-polymer 'CHLORIDE ION'
8 non-polymer 'SODIUM ION'
9 non-polymer 'TRIETHYLENE GLYCOL'
10 water water
#
loop_
_entity_poly.entity_id
_entity_poly.type
_entity_poly.pdbx_seq_one_letter_code
_entity_poly.pdbx_strand_id
1 'polypeptide(L)'
;MKVLVNHEQAYNVIINAINDAKKLTDYKTNNQWVSIQNVILGTHLTYRYILITGLLAKATDPRVNPLALQANAPVDGAYD
ARSLCHSVIVGKVEGPFLEGKLGASNEPFLNKPARYMLHSSDNPVRRGNDKVLQQLSIDILHAATTQTLAYEMLVIALYF
TLQRTNRVITPNSINFDFHKIIYNIISHPCDGETCAIAAAISLHLLGEQRGWIIKAHPVNQAGSSSKEILDIDVYHDDIV
FLSIEVKDKPFNYQDVNHAVSKASASGISKVIFLKGPRATNLDIDESLAIENAATKGVSLSFSDVMTFTTTCYALSPLLS
NDRIIDFINNTLKDIRAKDSTIEYIQSIFKN
;
A,B
2 'polydeoxyribonucleotide' (DG)(DG)(DC)(DA)(DG)(DA)(DG)(DC)(DT)(DC)(DA)(DC)(DG) E
3 'polydeoxyribonucleotide' (DC)(DC)(DG)(DT)(DG)(DA)(DG)(DC)(DT)(DC)(DT)(DG)(DC) F
#
loop_
_chem_comp.id
_chem_comp.type
_chem_comp.name
_chem_comp.formula
CA non-polymer 'CALCIUM ION' 'Ca 2'
CL non-polymer 'CHLORIDE ION' 'Cl -1'
DA DNA linking 2'-DEOXYADENOSINE-5'-MONOPHOSPHATE 'C10 H14 N5 O6 P'
DC DNA linking 2'-DEOXYCYTIDINE-5'-MONOPHOSPHATE 'C9 H14 N3 O7 P'
DG DNA linking 2'-DEOXYGUANOSINE-5'-MONOPHOSPHATE 'C10 H14 N5 O7 P'
DT DNA linking THYMIDINE-5'-MONOPHOSPHATE 'C10 H15 N2 O8 P'
GOL non-polymer GLYCEROL 'C3 H8 O3'
NA non-polymer 'SODIUM ION' 'Na 1'
PGE non-polymer 'TRIETHYLENE GLYCOL' 'C6 H14 O4'
TRS non-polymer 2-AMINO-2-HYDROXYMETHYL-PROPANE-1,3-DIOL 'C4 H12 N O3 1'
#
# COMPACT_ATOMS: atom_id res chain seq x y z
N MET A 1 -25.82 7.31 33.95
CA MET A 1 -25.42 6.07 34.62
C MET A 1 -24.97 5.02 33.61
N LYS A 2 -23.70 4.60 33.71
CA LYS A 2 -23.19 3.58 32.81
C LYS A 2 -23.82 2.22 33.12
N VAL A 3 -23.78 1.35 32.14
CA VAL A 3 -24.52 0.10 32.12
C VAL A 3 -23.55 -1.02 31.74
N LEU A 4 -23.75 -2.21 32.31
CA LEU A 4 -23.01 -3.41 31.93
C LEU A 4 -23.96 -4.35 31.19
N VAL A 5 -23.72 -4.57 29.91
CA VAL A 5 -24.55 -5.48 29.13
C VAL A 5 -24.04 -6.90 29.33
N ASN A 6 -24.96 -7.82 29.66
CA ASN A 6 -24.62 -9.21 29.96
C ASN A 6 -24.34 -9.94 28.64
N HIS A 7 -23.09 -10.37 28.45
CA HIS A 7 -22.69 -10.90 27.15
C HIS A 7 -23.29 -12.27 26.87
N GLU A 8 -23.59 -13.04 27.92
CA GLU A 8 -24.24 -14.34 27.71
C GLU A 8 -25.67 -14.17 27.22
N GLN A 9 -26.40 -13.18 27.77
CA GLN A 9 -27.76 -12.90 27.32
C GLN A 9 -27.77 -12.36 25.90
N ALA A 10 -26.87 -11.42 25.58
CA ALA A 10 -26.82 -10.86 24.23
C ALA A 10 -26.51 -11.94 23.20
N TYR A 11 -25.71 -12.93 23.57
CA TYR A 11 -25.46 -14.06 22.68
C TYR A 11 -26.75 -14.82 22.40
N ASN A 12 -27.52 -15.14 23.45
CA ASN A 12 -28.79 -15.84 23.25
C ASN A 12 -29.77 -15.01 22.44
N VAL A 13 -29.80 -13.70 22.68
CA VAL A 13 -30.72 -12.83 21.94
C VAL A 13 -30.38 -12.83 20.45
N ILE A 14 -29.09 -12.75 20.11
CA ILE A 14 -28.78 -12.66 18.69
C ILE A 14 -28.91 -14.03 18.01
N ILE A 15 -28.75 -15.12 18.74
CA ILE A 15 -29.04 -16.44 18.17
C ILE A 15 -30.52 -16.55 17.81
N ASN A 16 -31.40 -16.12 18.72
CA ASN A 16 -32.83 -16.15 18.41
C ASN A 16 -33.16 -15.23 17.25
N ALA A 17 -32.50 -14.07 17.19
CA ALA A 17 -32.76 -13.14 16.09
C ALA A 17 -32.32 -13.74 14.75
N ILE A 18 -31.24 -14.51 14.76
CA ILE A 18 -30.76 -15.11 13.51
C ILE A 18 -31.71 -16.20 13.05
N ASN A 19 -32.18 -17.04 13.97
CA ASN A 19 -33.13 -18.08 13.60
C ASN A 19 -34.43 -17.48 13.09
N ASP A 20 -34.86 -16.35 13.67
CA ASP A 20 -36.02 -15.66 13.16
C ASP A 20 -35.75 -15.07 11.78
N ALA A 21 -34.56 -14.49 11.57
CA ALA A 21 -34.22 -13.93 10.28
C ALA A 21 -34.17 -15.00 9.19
N LYS A 22 -33.77 -16.23 9.55
CA LYS A 22 -33.69 -17.31 8.58
C LYS A 22 -35.06 -17.78 8.12
N LYS A 23 -36.11 -17.53 8.91
CA LYS A 23 -37.49 -17.84 8.54
C LYS A 23 -38.31 -16.60 8.24
N LEU A 24 -37.71 -15.41 8.28
CA LEU A 24 -38.48 -14.19 8.12
C LEU A 24 -39.09 -14.13 6.73
N THR A 25 -40.39 -13.86 6.69
CA THR A 25 -41.07 -13.67 5.42
C THR A 25 -41.41 -12.20 5.15
N ASP A 26 -41.97 -11.51 6.13
CA ASP A 26 -42.33 -10.09 6.00
C ASP A 26 -41.25 -9.27 6.71
N TYR A 27 -40.30 -8.75 5.95
CA TYR A 27 -39.29 -7.85 6.49
C TYR A 27 -39.72 -6.39 6.44
N LYS A 28 -40.92 -6.09 5.97
CA LYS A 28 -41.40 -4.72 5.87
C LYS A 28 -42.27 -4.32 7.05
N THR A 29 -42.18 -5.05 8.16
CA THR A 29 -43.03 -4.76 9.30
C THR A 29 -42.67 -3.43 9.95
N ASN A 30 -41.37 -3.15 10.10
CA ASN A 30 -40.90 -1.91 10.72
C ASN A 30 -40.52 -0.90 9.65
N ASN A 31 -40.81 0.38 9.90
CA ASN A 31 -40.62 1.39 8.87
C ASN A 31 -39.18 1.91 8.78
N GLN A 32 -38.25 1.37 9.54
CA GLN A 32 -36.82 1.59 9.31
C GLN A 32 -36.24 0.62 8.31
N TRP A 33 -37.05 -0.25 7.69
CA TRP A 33 -36.49 -1.38 6.95
C TRP A 33 -35.72 -0.93 5.72
N VAL A 34 -36.13 0.15 5.07
CA VAL A 34 -35.37 0.64 3.92
C VAL A 34 -34.02 1.17 4.35
N SER A 35 -34.00 1.95 5.44
CA SER A 35 -32.73 2.40 5.99
C SER A 35 -31.86 1.22 6.40
N ILE A 36 -32.47 0.24 7.08
CA ILE A 36 -31.72 -0.94 7.49
C ILE A 36 -31.18 -1.68 6.28
N GLN A 37 -32.00 -1.82 5.23
CA GLN A 37 -31.53 -2.46 4.01
C GLN A 37 -30.32 -1.73 3.42
N ASN A 38 -30.39 -0.39 3.37
CA ASN A 38 -29.32 0.38 2.74
C ASN A 38 -28.03 0.34 3.55
N VAL A 39 -28.11 0.31 4.88
CA VAL A 39 -26.90 0.20 5.69
C VAL A 39 -26.29 -1.19 5.56
N ILE A 40 -27.12 -2.22 5.74
CA ILE A 40 -26.63 -3.59 5.77
C ILE A 40 -26.11 -4.02 4.41
N LEU A 41 -26.81 -3.67 3.33
CA LEU A 41 -26.34 -4.04 2.00
C LEU A 41 -25.33 -3.04 1.42
N GLY A 42 -24.98 -1.99 2.17
CA GLY A 42 -24.02 -1.02 1.71
C GLY A 42 -22.60 -1.55 1.77
N THR A 43 -21.68 -0.71 1.33
CA THR A 43 -20.27 -1.05 1.24
C THR A 43 -19.45 -0.52 2.43
N HIS A 44 -20.11 0.08 3.42
CA HIS A 44 -19.43 0.63 4.59
C HIS A 44 -19.40 -0.44 5.69
N LEU A 45 -18.20 -0.96 5.97
CA LEU A 45 -18.08 -2.08 6.91
C LEU A 45 -18.45 -1.68 8.32
N THR A 46 -17.93 -0.55 8.80
CA THR A 46 -18.03 -0.28 10.23
C THR A 46 -19.45 0.05 10.67
N TYR A 47 -20.24 0.73 9.80
CA TYR A 47 -21.62 1.02 10.18
C TYR A 47 -22.46 -0.25 10.27
N ARG A 48 -22.11 -1.31 9.53
CA ARG A 48 -22.82 -2.58 9.72
C ARG A 48 -22.60 -3.10 11.14
N TYR A 49 -21.35 -3.12 11.62
CA TYR A 49 -21.09 -3.62 12.96
C TYR A 49 -21.70 -2.69 14.00
N ILE A 50 -21.63 -1.38 13.78
CA ILE A 50 -22.20 -0.45 14.76
C ILE A 50 -23.71 -0.62 14.84
N LEU A 51 -24.37 -0.79 13.69
CA LEU A 51 -25.82 -0.97 13.68
C LEU A 51 -26.23 -2.26 14.38
N ILE A 52 -25.56 -3.37 14.06
CA ILE A 52 -25.91 -4.64 14.69
C ILE A 52 -25.65 -4.60 16.19
N THR A 53 -24.52 -4.02 16.60
CA THR A 53 -24.16 -3.99 18.02
C THR A 53 -25.14 -3.15 18.81
N GLY A 54 -25.49 -1.96 18.29
CA GLY A 54 -26.45 -1.11 18.98
C GLY A 54 -27.80 -1.75 19.16
N LEU A 55 -28.33 -2.37 18.09
CA LEU A 55 -29.62 -3.05 18.19
C LEU A 55 -29.55 -4.25 19.12
N LEU A 56 -28.46 -5.01 19.04
CA LEU A 56 -28.31 -6.16 19.94
C LEU A 56 -28.33 -5.71 21.39
N ALA A 57 -27.58 -4.64 21.70
CA ALA A 57 -27.48 -4.15 23.07
C ALA A 57 -28.84 -3.73 23.59
N LYS A 58 -29.58 -2.94 22.80
CA LYS A 58 -30.90 -2.48 23.24
C LYS A 58 -31.91 -3.63 23.29
N ALA A 59 -31.81 -4.61 22.39
CA ALA A 59 -32.70 -5.76 22.50
C ALA A 59 -32.39 -6.57 23.75
N THR A 60 -31.13 -6.62 24.16
CA THR A 60 -30.73 -7.37 25.34
C THR A 60 -31.05 -6.63 26.65
N ASP A 61 -30.73 -5.34 26.70
CA ASP A 61 -30.81 -4.57 27.94
C ASP A 61 -31.53 -3.26 27.69
N PRO A 62 -32.74 -3.08 28.22
CA PRO A 62 -33.50 -1.84 27.92
C PRO A 62 -32.90 -0.58 28.53
N ARG A 63 -31.91 -0.71 29.43
CA ARG A 63 -31.27 0.48 30.00
C ARG A 63 -30.31 1.15 29.02
N VAL A 64 -29.85 0.46 27.97
CA VAL A 64 -28.78 1.06 27.15
C VAL A 64 -29.32 2.18 26.27
N ASN A 65 -28.43 3.11 25.94
CA ASN A 65 -28.63 4.06 24.86
C ASN A 65 -27.98 3.48 23.62
N PRO A 66 -28.74 3.08 22.61
CA PRO A 66 -28.14 2.43 21.43
C PRO A 66 -27.19 3.33 20.65
N LEU A 67 -27.22 4.64 20.87
CA LEU A 67 -26.29 5.53 20.20
C LEU A 67 -24.98 5.70 20.97
N ALA A 68 -24.86 5.11 22.16
CA ALA A 68 -23.58 5.15 22.86
C ALA A 68 -22.63 4.12 22.29
N LEU A 69 -21.37 4.52 22.09
CA LEU A 69 -20.34 3.59 21.67
C LEU A 69 -19.36 3.24 22.79
N GLN A 70 -19.22 4.09 23.81
CA GLN A 70 -18.23 3.89 24.85
C GLN A 70 -18.87 4.06 26.22
N ALA A 71 -18.33 3.34 27.20
CA ALA A 71 -18.96 3.29 28.53
C ALA A 71 -18.98 4.66 29.21
N ASN A 72 -18.00 5.52 28.92
CA ASN A 72 -17.91 6.82 29.58
C ASN A 72 -18.52 7.94 28.76
N ALA A 73 -19.33 7.59 27.76
CA ALA A 73 -20.08 8.60 27.02
C ALA A 73 -20.97 9.39 27.98
N PRO A 74 -21.13 10.70 27.80
CA PRO A 74 -21.89 11.52 28.73
C PRO A 74 -23.40 11.47 28.49
N VAL A 75 -23.94 10.25 28.40
CA VAL A 75 -25.37 10.04 28.27
C VAL A 75 -25.77 8.94 29.25
N ASP A 76 -27.06 8.93 29.56
CA ASP A 76 -27.61 7.86 30.37
C ASP A 76 -27.67 6.57 29.56
N GLY A 77 -27.26 5.47 30.17
CA GLY A 77 -27.24 4.19 29.49
C GLY A 77 -26.06 3.97 28.57
N ALA A 78 -24.98 4.73 28.72
CA ALA A 78 -23.77 4.41 27.99
C ALA A 78 -23.27 3.03 28.37
N TYR A 79 -22.52 2.41 27.46
CA TYR A 79 -22.01 1.06 27.67
C TYR A 79 -20.84 0.87 26.71
N ASP A 80 -20.05 -0.18 26.95
CA ASP A 80 -18.86 -0.47 26.15
C ASP A 80 -19.30 -1.27 24.92
N ALA A 81 -19.67 -0.56 23.86
CA ALA A 81 -20.14 -1.24 22.66
C ALA A 81 -19.04 -2.05 21.99
N ARG A 82 -17.80 -1.57 22.06
CA ARG A 82 -16.68 -2.29 21.49
C ARG A 82 -16.56 -3.70 22.06
N SER A 83 -16.68 -3.83 23.36
CA SER A 83 -16.50 -5.15 23.94
C SER A 83 -17.66 -6.07 23.59
N LEU A 84 -18.89 -5.54 23.50
CA LEU A 84 -20.00 -6.39 23.09
C LEU A 84 -19.79 -6.88 21.66
N CYS A 85 -19.37 -5.99 20.76
CA CYS A 85 -19.19 -6.37 19.36
C CYS A 85 -18.09 -7.41 19.22
N HIS A 86 -16.93 -7.17 19.84
CA HIS A 86 -15.79 -8.05 19.65
C HIS A 86 -16.00 -9.40 20.35
N SER A 87 -16.58 -9.41 21.55
CA SER A 87 -16.74 -10.67 22.26
C SER A 87 -17.88 -11.50 21.71
N VAL A 88 -19.02 -10.89 21.41
CA VAL A 88 -20.17 -11.70 21.01
C VAL A 88 -20.24 -11.80 19.50
N ILE A 89 -20.35 -10.67 18.81
CA ILE A 89 -20.61 -10.73 17.38
C ILE A 89 -19.39 -11.26 16.63
N VAL A 90 -18.22 -10.68 16.87
CA VAL A 90 -17.00 -11.14 16.22
C VAL A 90 -16.54 -12.48 16.78
N GLY A 91 -16.46 -12.58 18.12
CA GLY A 91 -15.86 -13.75 18.73
C GLY A 91 -16.68 -15.03 18.60
N LYS A 92 -18.01 -14.92 18.57
CA LYS A 92 -18.85 -16.11 18.66
C LYS A 92 -19.91 -16.28 17.58
N VAL A 93 -20.32 -15.22 16.89
CA VAL A 93 -21.54 -15.24 16.08
C VAL A 93 -21.25 -15.21 14.59
N GLU A 94 -20.46 -14.22 14.13
CA GLU A 94 -20.37 -13.96 12.69
C GLU A 94 -19.79 -15.14 11.92
N GLY A 95 -18.75 -15.77 12.47
CA GLY A 95 -18.20 -16.95 11.84
C GLY A 95 -19.19 -18.10 11.72
N PRO A 96 -19.60 -18.65 12.87
CA PRO A 96 -20.44 -19.87 12.83
C PRO A 96 -21.84 -19.65 12.29
N PHE A 97 -22.45 -18.49 12.51
CA PHE A 97 -23.84 -18.26 12.17
C PHE A 97 -24.07 -17.39 10.95
N LEU A 98 -23.13 -16.51 10.59
CA LEU A 98 -23.37 -15.58 9.50
C LEU A 98 -22.39 -15.73 8.35
N GLU A 99 -21.47 -16.70 8.42
CA GLU A 99 -20.49 -16.98 7.36
C GLU A 99 -19.67 -15.75 6.99
N GLY A 100 -19.29 -14.96 7.99
CA GLY A 100 -18.51 -13.75 7.73
C GLY A 100 -19.19 -12.73 6.85
N LYS A 101 -20.52 -12.72 6.82
CA LYS A 101 -21.24 -11.86 5.90
C LYS A 101 -21.34 -10.41 6.36
N LEU A 102 -20.87 -10.08 7.56
CA LEU A 102 -20.71 -8.67 7.90
C LEU A 102 -19.39 -8.09 7.40
N GLY A 103 -18.48 -8.93 6.89
CA GLY A 103 -17.20 -8.46 6.43
C GLY A 103 -16.05 -9.22 7.05
N ALA A 104 -16.33 -9.95 8.13
CA ALA A 104 -15.33 -10.73 8.83
C ALA A 104 -14.19 -9.84 9.35
N SER A 105 -14.55 -8.67 9.86
CA SER A 105 -13.56 -7.82 10.51
C SER A 105 -13.21 -8.39 11.88
N ASN A 106 -11.91 -8.37 12.21
CA ASN A 106 -11.45 -8.89 13.50
C ASN A 106 -11.71 -7.91 14.64
N GLU A 107 -11.55 -6.61 14.40
CA GLU A 107 -11.72 -5.58 15.43
C GLU A 107 -12.40 -4.36 14.81
N PRO A 108 -13.66 -4.51 14.37
CA PRO A 108 -14.30 -3.39 13.67
C PRO A 108 -14.39 -2.12 14.51
N PHE A 109 -14.41 -2.24 15.84
CA PHE A 109 -14.53 -1.05 16.67
C PHE A 109 -13.22 -0.31 16.87
N LEU A 110 -12.14 -0.73 16.20
CA LEU A 110 -10.95 0.10 16.09
C LEU A 110 -10.94 0.91 14.80
N ASN A 111 -11.84 0.63 13.88
CA ASN A 111 -11.98 1.45 12.69
C ASN A 111 -12.44 2.84 13.10
N LYS A 112 -11.89 3.85 12.43
CA LYS A 112 -12.10 5.25 12.78
C LYS A 112 -13.55 5.60 13.10
N PRO A 113 -14.55 5.15 12.34
CA PRO A 113 -15.94 5.57 12.64
C PRO A 113 -16.45 5.11 14.00
N ALA A 114 -15.84 4.09 14.60
CA ALA A 114 -16.30 3.59 15.90
C ALA A 114 -15.58 4.21 17.09
N ARG A 115 -14.54 5.03 16.87
CA ARG A 115 -13.71 5.53 17.95
C ARG A 115 -14.21 6.92 18.40
N TYR A 116 -15.40 6.89 19.00
CA TYR A 116 -16.13 8.06 19.48
C TYR A 116 -16.96 7.61 20.67
N MET A 117 -17.34 8.57 21.53
CA MET A 117 -18.21 8.25 22.66
C MET A 117 -19.62 7.95 22.18
N LEU A 118 -20.10 8.69 21.19
CA LEU A 118 -21.45 8.56 20.68
C LEU A 118 -21.42 8.39 19.18
N HIS A 119 -22.36 7.60 18.66
CA HIS A 119 -22.60 7.56 17.22
C HIS A 119 -23.44 8.78 16.88
N SER A 120 -22.82 9.77 16.25
CA SER A 120 -23.41 11.09 16.19
C SER A 120 -23.01 11.77 14.89
N SER A 121 -23.88 12.65 14.41
CA SER A 121 -23.57 13.39 13.19
C SER A 121 -22.50 14.46 13.42
N ASP A 122 -22.19 14.80 14.67
CA ASP A 122 -21.00 15.60 14.95
C ASP A 122 -19.70 14.85 14.64
N ASN A 123 -19.72 13.52 14.59
CA ASN A 123 -18.49 12.78 14.30
C ASN A 123 -18.06 13.05 12.86
N PRO A 124 -16.84 13.50 12.64
CA PRO A 124 -16.40 13.76 11.25
C PRO A 124 -16.52 12.50 10.42
N VAL A 125 -16.79 12.68 9.13
CA VAL A 125 -17.11 11.56 8.26
C VAL A 125 -16.70 11.95 6.86
N ARG A 126 -16.25 10.96 6.09
CA ARG A 126 -15.98 11.18 4.68
C ARG A 126 -17.25 11.62 3.95
N ARG A 127 -17.12 12.60 3.07
CA ARG A 127 -18.28 13.11 2.33
C ARG A 127 -18.81 12.04 1.36
N GLY A 128 -20.05 12.27 0.89
CA GLY A 128 -20.68 11.33 -0.04
C GLY A 128 -21.53 10.26 0.61
N ASN A 129 -21.44 9.02 0.11
CA ASN A 129 -22.31 7.97 0.63
C ASN A 129 -22.01 7.64 2.09
N ASP A 130 -20.76 7.81 2.54
CA ASP A 130 -20.46 7.50 3.93
C ASP A 130 -21.23 8.40 4.88
N LYS A 131 -21.35 9.69 4.53
CA LYS A 131 -22.14 10.63 5.34
C LYS A 131 -23.63 10.26 5.31
N VAL A 132 -24.13 9.79 4.16
CA VAL A 132 -25.53 9.37 4.12
C VAL A 132 -25.75 8.15 5.00
N LEU A 133 -24.88 7.15 4.90
CA LEU A 133 -25.03 5.96 5.74
C LEU A 133 -24.84 6.29 7.23
N GLN A 134 -24.03 7.29 7.55
CA GLN A 134 -23.91 7.70 8.94
C GLN A 134 -25.26 8.17 9.48
N GLN A 135 -25.99 8.96 8.70
CA GLN A 135 -27.26 9.46 9.18
C GLN A 135 -28.32 8.37 9.23
N LEU A 136 -28.34 7.50 8.21
CA LEU A 136 -29.29 6.39 8.24
C LEU A 136 -29.07 5.52 9.48
N SER A 137 -27.81 5.19 9.79
CA SER A 137 -27.59 4.28 10.92
C SER A 137 -27.89 4.97 12.25
N ILE A 138 -27.63 6.28 12.33
CA ILE A 138 -28.08 7.04 13.51
C ILE A 138 -29.59 6.97 13.63
N ASP A 139 -30.30 7.19 12.53
CA ASP A 139 -31.76 7.23 12.58
C ASP A 139 -32.34 5.89 13.03
N ILE A 140 -31.77 4.78 12.56
CA ILE A 140 -32.26 3.46 12.96
C ILE A 140 -32.10 3.26 14.45
N LEU A 141 -30.88 3.47 14.96
CA LEU A 141 -30.62 3.32 16.39
C LEU A 141 -31.47 4.29 17.20
N HIS A 142 -31.65 5.53 16.74
CA HIS A 142 -32.52 6.47 17.45
C HIS A 142 -33.96 5.99 17.47
N ALA A 143 -34.38 5.25 16.45
CA ALA A 143 -35.73 4.69 16.42
C ALA A 143 -35.91 3.50 17.33
N ALA A 144 -34.83 2.93 17.85
CA ALA A 144 -34.90 1.71 18.66
C ALA A 144 -35.09 2.09 20.12
N THR A 145 -36.32 2.51 20.43
CA THR A 145 -36.61 3.09 21.74
C THR A 145 -37.07 2.07 22.77
N THR A 146 -37.47 0.86 22.34
CA THR A 146 -37.83 -0.22 23.26
C THR A 146 -37.02 -1.45 22.90
N GLN A 147 -36.98 -2.40 23.85
CA GLN A 147 -36.41 -3.72 23.55
C GLN A 147 -37.11 -4.34 22.35
N THR A 148 -38.44 -4.23 22.27
CA THR A 148 -39.19 -4.90 21.23
C THR A 148 -38.87 -4.33 19.86
N LEU A 149 -38.82 -2.99 19.74
CA LEU A 149 -38.48 -2.39 18.46
C LEU A 149 -37.05 -2.75 18.07
N ALA A 150 -36.13 -2.69 19.04
CA ALA A 150 -34.73 -3.03 18.75
C ALA A 150 -34.63 -4.46 18.24
N TYR A 151 -35.32 -5.39 18.90
CA TYR A 151 -35.29 -6.77 18.43
C TYR A 151 -35.90 -6.90 17.04
N GLU A 152 -37.04 -6.24 16.79
CA GLU A 152 -37.67 -6.26 15.46
C GLU A 152 -36.69 -5.78 14.40
N MET A 153 -35.99 -4.68 14.66
CA MET A 153 -35.04 -4.15 13.69
C MET A 153 -33.80 -5.05 13.57
N LEU A 154 -33.40 -5.69 14.66
CA LEU A 154 -32.26 -6.62 14.61
C LEU A 154 -32.55 -7.78 13.65
N VAL A 155 -33.76 -8.36 13.73
CA VAL A 155 -34.13 -9.45 12.84
C VAL A 155 -34.08 -8.98 11.39
N ILE A 156 -34.65 -7.81 11.12
CA ILE A 156 -34.63 -7.29 9.74
C ILE A 156 -33.19 -7.07 9.29
N ALA A 157 -32.35 -6.58 10.20
CA ALA A 157 -30.95 -6.34 9.85
C ALA A 157 -30.22 -7.64 9.52
N LEU A 158 -30.45 -8.68 10.32
CA LEU A 158 -29.78 -9.95 10.06
C LEU A 158 -30.36 -10.65 8.85
N TYR A 159 -31.65 -10.43 8.56
CA TYR A 159 -32.25 -10.95 7.34
C TYR A 159 -31.53 -10.40 6.11
N PHE A 160 -31.27 -9.09 6.09
CA PHE A 160 -30.51 -8.52 4.99
C PHE A 160 -29.05 -8.95 5.04
N THR A 161 -28.49 -9.14 6.23
CA THR A 161 -27.12 -9.65 6.33
C THR A 161 -26.98 -10.98 5.62
N LEU A 162 -27.94 -11.89 5.84
CA LEU A 162 -27.87 -13.21 5.25
C LEU A 162 -27.97 -13.19 3.74
N GLN A 163 -28.48 -12.10 3.15
CA GLN A 163 -28.51 -11.94 1.70
C GLN A 163 -27.18 -11.52 1.11
N ARG A 164 -26.21 -11.10 1.93
CA ARG A 164 -24.98 -10.56 1.35
C ARG A 164 -24.16 -11.66 0.69
N THR A 165 -23.35 -11.27 -0.27
CA THR A 165 -22.51 -12.20 -1.01
C THR A 165 -21.13 -12.29 -0.36
N ASN A 166 -20.34 -13.26 -0.81
CA ASN A 166 -19.00 -13.47 -0.28
C ASN A 166 -17.98 -12.82 -1.20
N ARG A 167 -16.71 -13.01 -0.88
CA ARG A 167 -15.60 -12.44 -1.66
C ARG A 167 -15.21 -13.35 -2.82
N VAL A 168 -16.18 -13.74 -3.65
CA VAL A 168 -15.96 -14.71 -4.72
C VAL A 168 -16.42 -14.11 -6.05
N ILE A 169 -15.54 -14.18 -7.05
CA ILE A 169 -15.84 -13.75 -8.41
C ILE A 169 -16.30 -14.97 -9.20
N THR A 170 -17.51 -14.90 -9.74
CA THR A 170 -17.98 -15.94 -10.64
C THR A 170 -17.83 -15.46 -12.07
N PRO A 171 -16.94 -16.05 -12.85
CA PRO A 171 -16.81 -15.62 -14.25
C PRO A 171 -18.00 -16.03 -15.09
N ASN A 172 -18.87 -15.08 -15.44
CA ASN A 172 -19.92 -15.37 -16.40
C ASN A 172 -19.37 -15.41 -17.82
N SER A 173 -18.26 -14.71 -18.06
CA SER A 173 -17.63 -14.70 -19.37
C SER A 173 -17.19 -16.11 -19.76
N ILE A 174 -17.36 -16.43 -21.04
CA ILE A 174 -16.86 -17.72 -21.54
C ILE A 174 -15.35 -17.78 -21.40
N ASN A 175 -14.65 -16.71 -21.78
CA ASN A 175 -13.20 -16.65 -21.69
C ASN A 175 -12.75 -15.21 -21.83
N PHE A 176 -11.80 -14.80 -20.99
CA PHE A 176 -11.16 -13.50 -21.07
C PHE A 176 -9.67 -13.69 -21.25
N ASP A 177 -9.01 -12.69 -21.81
CA ASP A 177 -7.56 -12.73 -21.90
C ASP A 177 -6.95 -11.90 -20.78
N PHE A 178 -5.79 -12.37 -20.31
CA PHE A 178 -5.19 -11.89 -19.07
C PHE A 178 -4.93 -10.40 -19.11
N HIS A 179 -4.31 -9.92 -20.21
CA HIS A 179 -3.96 -8.52 -20.31
C HIS A 179 -5.18 -7.61 -20.20
N LYS A 180 -6.30 -8.01 -20.81
CA LYS A 180 -7.49 -7.17 -20.72
C LYS A 180 -8.08 -7.18 -19.32
N ILE A 181 -7.98 -8.32 -18.63
CA ILE A 181 -8.40 -8.40 -17.24
C ILE A 181 -7.58 -7.45 -16.37
N ILE A 182 -6.24 -7.53 -16.47
CA ILE A 182 -5.38 -6.65 -15.68
C ILE A 182 -5.70 -5.19 -15.98
N TYR A 183 -5.89 -4.86 -17.25
CA TYR A 183 -6.10 -3.47 -17.62
C TYR A 183 -7.36 -2.92 -16.97
N ASN A 184 -8.42 -3.72 -16.94
CA ASN A 184 -9.66 -3.25 -16.34
C ASN A 184 -9.61 -3.27 -14.83
N ILE A 185 -8.84 -4.19 -14.23
CA ILE A 185 -8.74 -4.25 -12.78
C ILE A 185 -8.06 -3.00 -12.24
N ILE A 186 -6.94 -2.58 -12.86
CA ILE A 186 -6.17 -1.48 -12.30
C ILE A 186 -6.61 -0.11 -12.80
N SER A 187 -7.65 -0.02 -13.64
CA SER A 187 -8.11 1.29 -14.08
C SER A 187 -8.79 2.05 -12.94
N HIS A 188 -9.37 1.35 -11.98
CA HIS A 188 -9.96 2.00 -10.84
C HIS A 188 -9.11 1.72 -9.60
N PRO A 189 -8.79 2.74 -8.80
CA PRO A 189 -7.85 2.52 -7.68
C PRO A 189 -8.36 1.55 -6.63
N CYS A 190 -9.66 1.59 -6.31
CA CYS A 190 -10.29 0.69 -5.35
C CYS A 190 -9.49 0.58 -4.04
N ASP A 191 -9.19 1.75 -3.45
CA ASP A 191 -8.59 1.83 -2.12
C ASP A 191 -7.21 1.18 -2.06
N GLY A 192 -6.54 1.12 -3.21
CA GLY A 192 -5.25 0.47 -3.32
C GLY A 192 -5.31 -1.03 -3.53
N GLU A 193 -6.50 -1.62 -3.53
CA GLU A 193 -6.61 -3.08 -3.58
C GLU A 193 -6.43 -3.65 -4.98
N THR A 194 -6.82 -2.94 -6.03
CA THR A 194 -6.74 -3.55 -7.36
C THR A 194 -5.29 -3.72 -7.82
N CYS A 195 -4.44 -2.72 -7.58
CA CYS A 195 -3.04 -2.87 -7.96
C CYS A 195 -2.36 -3.99 -7.18
N ALA A 196 -2.73 -4.15 -5.89
CA ALA A 196 -2.18 -5.27 -5.12
C ALA A 196 -2.67 -6.61 -5.66
N ILE A 197 -3.92 -6.68 -6.11
CA ILE A 197 -4.44 -7.91 -6.70
C ILE A 197 -3.73 -8.23 -8.01
N ALA A 198 -3.55 -7.22 -8.86
CA ALA A 198 -2.85 -7.44 -10.13
C ALA A 198 -1.43 -7.93 -9.90
N ALA A 199 -0.73 -7.35 -8.93
CA ALA A 199 0.62 -7.78 -8.63
C ALA A 199 0.63 -9.19 -8.08
N ALA A 200 -0.36 -9.54 -7.26
CA ALA A 200 -0.39 -10.86 -6.63
C ALA A 200 -0.66 -11.95 -7.65
N ILE A 201 -1.68 -11.78 -8.50
CA ILE A 201 -1.99 -12.87 -9.40
C ILE A 201 -0.90 -13.04 -10.46
N SER A 202 -0.13 -11.98 -10.72
CA SER A 202 0.99 -12.11 -11.65
C SER A 202 2.11 -12.94 -11.05
N LEU A 203 2.40 -12.77 -9.76
CA LEU A 203 3.37 -13.63 -9.09
C LEU A 203 2.91 -15.08 -9.09
N HIS A 204 1.60 -15.31 -8.94
CA HIS A 204 1.08 -16.68 -8.96
C HIS A 204 1.42 -17.39 -10.27
N LEU A 205 1.46 -16.65 -11.39
CA LEU A 205 1.77 -17.29 -12.67
C LEU A 205 3.17 -17.88 -12.67
N LEU A 206 4.10 -17.19 -12.03
CA LEU A 206 5.49 -17.64 -11.99
C LEU A 206 5.77 -18.54 -10.80
N GLY A 207 4.99 -18.41 -9.72
CA GLY A 207 5.25 -19.21 -8.52
C GLY A 207 4.60 -20.57 -8.54
N GLU A 208 3.64 -20.78 -9.43
CA GLU A 208 2.88 -22.01 -9.50
C GLU A 208 3.79 -23.24 -9.55
N GLN A 209 4.80 -23.21 -10.41
CA GLN A 209 5.65 -24.36 -10.65
C GLN A 209 6.84 -24.43 -9.71
N ARG A 210 7.33 -23.29 -9.22
CA ARG A 210 8.47 -23.27 -8.32
C ARG A 210 8.07 -23.44 -6.85
N GLY A 211 6.82 -23.74 -6.56
CA GLY A 211 6.40 -23.91 -5.18
C GLY A 211 6.49 -22.65 -4.34
N TRP A 212 6.26 -21.48 -4.93
CA TRP A 212 6.18 -20.26 -4.15
C TRP A 212 4.87 -20.23 -3.36
N ILE A 213 4.93 -19.63 -2.18
CA ILE A 213 3.75 -19.30 -1.41
C ILE A 213 3.68 -17.78 -1.38
N ILE A 214 2.62 -17.22 -1.95
CA ILE A 214 2.47 -15.78 -2.08
C ILE A 214 1.53 -15.33 -0.99
N LYS A 215 1.98 -14.42 -0.13
CA LYS A 215 1.16 -13.92 0.97
C LYS A 215 0.88 -12.44 0.72
N ALA A 216 -0.30 -12.15 0.19
CA ALA A 216 -0.77 -10.77 0.08
C ALA A 216 -1.55 -10.44 1.34
N HIS A 217 -1.33 -9.26 1.87
CA HIS A 217 -1.91 -8.91 3.15
C HIS A 217 -3.05 -7.91 2.95
N PRO A 218 -4.02 -7.88 3.86
CA PRO A 218 -5.02 -6.79 3.85
C PRO A 218 -4.33 -5.43 3.72
N VAL A 219 -4.80 -4.61 2.76
CA VAL A 219 -4.05 -3.40 2.44
C VAL A 219 -4.00 -2.42 3.60
N ASN A 220 -4.93 -2.50 4.56
CA ASN A 220 -4.89 -1.57 5.70
C ASN A 220 -4.14 -2.13 6.90
N GLN A 221 -3.55 -3.33 6.76
CA GLN A 221 -2.66 -3.84 7.78
C GLN A 221 -1.35 -3.04 7.77
N ALA A 222 -0.90 -2.64 8.95
CA ALA A 222 0.18 -1.68 9.09
C ALA A 222 1.55 -2.37 9.01
N GLY A 223 2.54 -1.62 8.53
CA GLY A 223 3.90 -2.12 8.48
C GLY A 223 4.50 -2.45 9.85
N SER A 224 3.90 -1.93 10.93
CA SER A 224 4.31 -2.29 12.28
C SER A 224 3.87 -3.69 12.69
N SER A 225 2.98 -4.32 11.93
CA SER A 225 2.49 -5.65 12.28
C SER A 225 3.57 -6.69 12.06
N SER A 226 3.55 -7.72 12.91
CA SER A 226 4.46 -8.85 12.75
C SER A 226 4.02 -9.79 11.63
N LYS A 227 2.86 -9.54 11.04
CA LYS A 227 2.25 -10.41 10.05
C LYS A 227 2.69 -10.10 8.63
N GLU A 228 3.66 -9.21 8.43
CA GLU A 228 4.03 -8.83 7.08
C GLU A 228 5.43 -8.22 7.08
N ILE A 229 6.05 -8.21 5.91
CA ILE A 229 7.18 -7.32 5.68
C ILE A 229 6.70 -6.16 4.81
N LEU A 230 6.29 -6.43 3.57
CA LEU A 230 5.70 -5.35 2.77
C LEU A 230 4.29 -5.73 2.32
N ASP A 231 3.83 -5.23 1.17
CA ASP A 231 2.46 -5.47 0.72
C ASP A 231 2.24 -6.94 0.40
N ILE A 232 3.20 -7.55 -0.28
CA ILE A 232 3.18 -8.94 -0.72
C ILE A 232 4.53 -9.55 -0.38
N ASP A 233 4.52 -10.67 0.32
CA ASP A 233 5.73 -11.39 0.67
C ASP A 233 5.70 -12.76 0.01
N VAL A 234 6.82 -13.15 -0.61
CA VAL A 234 6.88 -14.39 -1.37
C VAL A 234 7.83 -15.35 -0.65
N TYR A 235 7.30 -16.53 -0.32
CA TYR A 235 8.03 -17.59 0.39
C TYR A 235 8.44 -18.68 -0.59
N HIS A 236 9.69 -19.12 -0.47
CA HIS A 236 10.09 -20.42 -0.97
C HIS A 236 10.84 -21.11 0.15
N ASP A 237 10.49 -22.38 0.41
CA ASP A 237 11.13 -23.17 1.47
C ASP A 237 11.00 -22.49 2.82
N ASP A 238 9.82 -21.89 3.06
CA ASP A 238 9.43 -21.27 4.33
C ASP A 238 10.17 -19.97 4.63
N ILE A 239 10.80 -19.36 3.62
CA ILE A 239 11.62 -18.17 3.81
C ILE A 239 11.18 -17.11 2.80
N VAL A 240 11.03 -15.87 3.26
CA VAL A 240 10.71 -14.77 2.36
C VAL A 240 11.97 -14.39 1.59
N PHE A 241 11.94 -14.56 0.28
CA PHE A 241 13.06 -14.18 -0.55
C PHE A 241 12.81 -12.90 -1.34
N LEU A 242 11.56 -12.46 -1.43
CA LEU A 242 11.18 -11.28 -2.20
C LEU A 242 9.97 -10.64 -1.53
N SER A 243 9.99 -9.32 -1.37
CA SER A 243 8.82 -8.57 -0.94
C SER A 243 8.51 -7.48 -1.96
N ILE A 244 7.22 -7.15 -2.06
CA ILE A 244 6.73 -6.18 -3.03
C ILE A 244 6.02 -5.06 -2.28
N GLU A 245 6.36 -3.82 -2.61
CA GLU A 245 5.59 -2.65 -2.20
C GLU A 245 4.86 -2.11 -3.42
N VAL A 246 3.54 -1.98 -3.33
CA VAL A 246 2.73 -1.39 -4.39
C VAL A 246 2.34 0.01 -3.98
N LYS A 247 2.46 0.97 -4.89
CA LYS A 247 1.96 2.32 -4.67
C LYS A 247 0.99 2.68 -5.79
N ASP A 248 -0.25 2.99 -5.44
CA ASP A 248 -1.23 3.50 -6.40
C ASP A 248 -1.61 4.91 -6.00
N LYS A 249 -0.60 5.66 -5.59
CA LYS A 249 -0.69 7.09 -5.33
C LYS A 249 0.72 7.64 -5.46
N PRO A 250 0.88 8.96 -5.56
CA PRO A 250 2.25 9.49 -5.70
C PRO A 250 3.07 9.18 -4.45
N PHE A 251 4.37 9.02 -4.63
CA PHE A 251 5.29 8.67 -3.57
C PHE A 251 6.59 9.44 -3.76
N ASN A 252 7.37 9.55 -2.70
CA ASN A 252 8.63 10.24 -2.76
C ASN A 252 9.76 9.31 -2.30
N TYR A 253 10.96 9.87 -2.22
CA TYR A 253 12.14 9.09 -1.89
C TYR A 253 12.04 8.51 -0.49
N GLN A 254 11.43 9.27 0.44
CA GLN A 254 11.26 8.79 1.80
C GLN A 254 10.28 7.61 1.85
N ASP A 255 9.25 7.58 0.99
CA ASP A 255 8.39 6.39 0.92
C ASP A 255 9.19 5.16 0.54
N VAL A 256 10.07 5.30 -0.45
CA VAL A 256 10.90 4.19 -0.90
C VAL A 256 11.81 3.73 0.23
N ASN A 257 12.50 4.69 0.84
CA ASN A 257 13.39 4.38 1.95
C ASN A 257 12.65 3.72 3.11
N HIS A 258 11.41 4.12 3.35
CA HIS A 258 10.63 3.50 4.42
C HIS A 258 10.38 2.01 4.14
N ALA A 259 10.06 1.68 2.88
CA ALA A 259 9.85 0.26 2.52
C ALA A 259 11.16 -0.52 2.55
N VAL A 260 12.22 0.05 1.96
CA VAL A 260 13.53 -0.57 2.00
C VAL A 260 13.96 -0.86 3.44
N SER A 261 13.71 0.09 4.34
CA SER A 261 14.15 -0.10 5.71
C SER A 261 13.42 -1.25 6.38
N LYS A 262 12.12 -1.40 6.09
CA LYS A 262 11.37 -2.51 6.66
C LYS A 262 11.91 -3.84 6.13
N ALA A 263 12.24 -3.91 4.84
CA ALA A 263 12.83 -5.12 4.30
C ALA A 263 14.22 -5.37 4.89
N SER A 264 15.00 -4.31 5.05
CA SER A 264 16.34 -4.45 5.60
C SER A 264 16.30 -4.97 7.04
N ALA A 265 15.37 -4.45 7.86
CA ALA A 265 15.28 -4.87 9.25
C ALA A 265 14.83 -6.32 9.39
N SER A 266 14.16 -6.88 8.39
CA SER A 266 13.76 -8.29 8.44
C SER A 266 14.69 -9.21 7.65
N GLY A 267 15.78 -8.69 7.09
CA GLY A 267 16.70 -9.51 6.32
C GLY A 267 16.22 -9.97 4.96
N ILE A 268 15.27 -9.26 4.34
CA ILE A 268 14.80 -9.58 3.00
C ILE A 268 15.70 -8.83 2.01
N SER A 269 16.32 -9.58 1.10
CA SER A 269 17.33 -8.99 0.26
C SER A 269 16.82 -8.52 -1.11
N LYS A 270 15.59 -8.88 -1.50
CA LYS A 270 15.06 -8.39 -2.78
C LYS A 270 13.71 -7.72 -2.57
N VAL A 271 13.58 -6.51 -3.11
CA VAL A 271 12.35 -5.75 -3.06
C VAL A 271 12.01 -5.24 -4.46
N ILE A 272 10.76 -5.44 -4.88
CA ILE A 272 10.21 -4.78 -6.05
C ILE A 272 9.24 -3.71 -5.59
N PHE A 273 9.42 -2.51 -6.13
CA PHE A 273 8.57 -1.37 -5.86
C PHE A 273 7.75 -1.10 -7.12
N LEU A 274 6.44 -1.36 -7.06
CA LEU A 274 5.54 -1.25 -8.21
C LEU A 274 4.76 0.06 -8.16
N LYS A 275 4.73 0.75 -9.30
CA LYS A 275 4.03 2.02 -9.43
C LYS A 275 2.74 1.78 -10.21
N GLY A 276 1.59 1.93 -9.54
CA GLY A 276 0.31 1.84 -10.20
C GLY A 276 0.02 3.08 -11.02
N PRO A 277 -1.13 3.08 -11.72
CA PRO A 277 -1.44 4.20 -12.62
C PRO A 277 -1.53 5.54 -11.92
N ARG A 278 -1.83 5.59 -10.62
CA ARG A 278 -1.89 6.88 -9.93
C ARG A 278 -0.55 7.31 -9.37
N ALA A 279 0.48 6.47 -9.44
CA ALA A 279 1.84 6.85 -9.02
C ALA A 279 2.50 7.61 -10.17
N THR A 280 1.96 8.80 -10.42
CA THR A 280 2.35 9.67 -11.52
C THR A 280 3.02 10.94 -10.99
N ASN A 281 3.62 11.69 -11.93
CA ASN A 281 4.24 12.99 -11.63
C ASN A 281 5.45 12.82 -10.71
N LEU A 282 6.22 11.75 -10.91
CA LEU A 282 7.24 11.38 -9.93
C LEU A 282 8.63 11.56 -10.55
N ASP A 283 9.11 12.80 -10.48
CA ASP A 283 10.53 13.05 -10.58
C ASP A 283 11.17 12.52 -9.31
N ILE A 284 11.64 11.27 -9.38
CA ILE A 284 12.34 10.63 -8.26
C ILE A 284 13.52 9.89 -8.86
N ASP A 285 14.70 10.04 -8.24
CA ASP A 285 15.94 9.49 -8.77
C ASP A 285 16.04 8.03 -8.38
N GLU A 286 15.58 7.14 -9.27
CA GLU A 286 15.49 5.73 -8.93
C GLU A 286 16.86 5.14 -8.68
N SER A 287 17.86 5.53 -9.47
CA SER A 287 19.18 4.96 -9.29
C SER A 287 19.75 5.31 -7.93
N LEU A 288 19.49 6.53 -7.44
CA LEU A 288 19.96 6.91 -6.11
C LEU A 288 19.23 6.10 -5.04
N ALA A 289 17.91 5.94 -5.19
CA ALA A 289 17.16 5.08 -4.28
C ALA A 289 17.72 3.66 -4.27
N ILE A 290 18.05 3.13 -5.45
CA ILE A 290 18.55 1.77 -5.57
C ILE A 290 19.95 1.66 -4.96
N GLU A 291 20.80 2.66 -5.21
CA GLU A 291 22.10 2.72 -4.55
C GLU A 291 21.95 2.77 -3.03
N ASN A 292 21.06 3.64 -2.52
CA ASN A 292 20.83 3.71 -1.07
C ASN A 292 20.41 2.35 -0.52
N ALA A 293 19.45 1.69 -1.19
CA ALA A 293 18.99 0.38 -0.75
C ALA A 293 20.15 -0.62 -0.73
N ALA A 294 21.01 -0.59 -1.75
CA ALA A 294 22.12 -1.53 -1.83
C ALA A 294 23.01 -1.46 -0.59
N THR A 295 23.30 -0.25 -0.10
CA THR A 295 24.12 -0.14 1.11
C THR A 295 23.38 -0.70 2.32
N LYS A 296 22.05 -0.66 2.32
CA LYS A 296 21.28 -1.25 3.40
C LYS A 296 21.05 -2.73 3.23
N GLY A 297 21.73 -3.38 2.28
CA GLY A 297 21.59 -4.80 2.07
C GLY A 297 20.35 -5.22 1.31
N VAL A 298 19.71 -4.29 0.60
CA VAL A 298 18.51 -4.60 -0.17
C VAL A 298 18.77 -4.35 -1.64
N SER A 299 18.52 -5.37 -2.46
CA SER A 299 18.46 -5.19 -3.90
C SER A 299 17.06 -4.70 -4.27
N LEU A 300 16.99 -3.45 -4.73
CA LEU A 300 15.73 -2.78 -5.03
C LEU A 300 15.55 -2.61 -6.54
N SER A 301 14.33 -2.85 -7.03
CA SER A 301 14.03 -2.55 -8.43
C SER A 301 12.65 -1.91 -8.53
N PHE A 302 12.43 -1.24 -9.66
CA PHE A 302 11.19 -0.52 -9.93
C PHE A 302 10.49 -1.06 -11.18
N SER A 303 9.17 -0.97 -11.19
CA SER A 303 8.40 -1.25 -12.39
C SER A 303 7.02 -0.67 -12.23
N ASP A 304 6.45 -0.20 -13.35
CA ASP A 304 5.01 0.00 -13.44
C ASP A 304 4.28 -1.31 -13.16
N VAL A 305 3.08 -1.21 -12.58
CA VAL A 305 2.28 -2.41 -12.34
C VAL A 305 1.95 -3.10 -13.66
N MET A 306 1.53 -2.35 -14.69
CA MET A 306 1.14 -2.98 -15.95
C MET A 306 2.31 -3.74 -16.58
N THR A 307 3.48 -3.09 -16.68
CA THR A 307 4.65 -3.74 -17.25
C THR A 307 5.02 -5.01 -16.47
N PHE A 308 4.92 -4.96 -15.15
CA PHE A 308 5.21 -6.14 -14.34
C PHE A 308 4.25 -7.29 -14.68
N THR A 309 2.95 -6.99 -14.85
CA THR A 309 2.00 -8.06 -15.15
C THR A 309 2.25 -8.64 -16.54
N THR A 310 2.53 -7.81 -17.54
CA THR A 310 2.75 -8.34 -18.88
C THR A 310 4.07 -9.09 -18.98
N THR A 311 5.07 -8.70 -18.19
CA THR A 311 6.31 -9.46 -18.20
C THR A 311 6.15 -10.78 -17.46
N CYS A 312 5.45 -10.79 -16.32
CA CYS A 312 5.19 -12.07 -15.65
C CYS A 312 4.39 -13.00 -16.57
N TYR A 313 3.37 -12.46 -17.24
CA TYR A 313 2.56 -13.28 -18.14
C TYR A 313 3.40 -13.87 -19.24
N ALA A 314 4.32 -13.08 -19.81
CA ALA A 314 5.08 -13.57 -20.95
C ALA A 314 6.06 -14.66 -20.53
N LEU A 315 6.57 -14.58 -19.29
CA LEU A 315 7.57 -15.51 -18.80
C LEU A 315 6.96 -16.79 -18.25
N SER A 316 5.67 -16.85 -18.07
CA SER A 316 5.12 -17.98 -17.35
C SER A 316 4.61 -19.05 -18.29
N PRO A 317 4.37 -20.26 -17.79
CA PRO A 317 3.59 -21.23 -18.58
C PRO A 317 2.13 -20.83 -18.54
N LEU A 318 1.45 -20.98 -19.67
CA LEU A 318 0.06 -20.54 -19.73
C LEU A 318 -0.84 -21.59 -19.08
N LEU A 319 -1.66 -21.15 -18.13
CA LEU A 319 -2.59 -21.97 -17.38
C LEU A 319 -4.02 -21.61 -17.75
N SER A 320 -4.93 -22.53 -17.43
CA SER A 320 -6.34 -22.34 -17.76
C SER A 320 -6.89 -21.07 -17.10
N ASN A 321 -7.86 -20.45 -17.78
CA ASN A 321 -8.55 -19.30 -17.20
C ASN A 321 -9.10 -19.65 -15.82
N ASP A 322 -9.57 -20.89 -15.63
CA ASP A 322 -10.05 -21.33 -14.33
C ASP A 322 -9.00 -21.11 -13.25
N ARG A 323 -7.73 -21.32 -13.61
CA ARG A 323 -6.65 -21.15 -12.64
C ARG A 323 -6.40 -19.68 -12.31
N ILE A 324 -6.56 -18.80 -13.30
CA ILE A 324 -6.43 -17.36 -13.05
C ILE A 324 -7.52 -16.87 -12.11
N ILE A 325 -8.75 -17.31 -12.35
CA ILE A 325 -9.86 -16.93 -11.49
C ILE A 325 -9.61 -17.39 -10.06
N ASP A 326 -9.02 -18.57 -9.88
CA ASP A 326 -8.65 -19.04 -8.56
C ASP A 326 -7.66 -18.09 -7.89
N PHE A 327 -6.62 -17.68 -8.62
CA PHE A 327 -5.66 -16.73 -8.07
C PHE A 327 -6.38 -15.49 -7.58
N ILE A 328 -7.28 -14.95 -8.40
CA ILE A 328 -8.02 -13.75 -8.02
C ILE A 328 -8.82 -14.01 -6.75
N ASN A 329 -9.56 -15.12 -6.73
CA ASN A 329 -10.44 -15.42 -5.61
C ASN A 329 -9.67 -15.62 -4.31
N ASN A 330 -8.56 -16.37 -4.37
CA ASN A 330 -7.75 -16.56 -3.18
C ASN A 330 -7.16 -15.24 -2.69
N THR A 331 -6.71 -14.39 -3.61
CA THR A 331 -6.16 -13.10 -3.19
C THR A 331 -7.23 -12.22 -2.55
N LEU A 332 -8.45 -12.23 -3.09
CA LEU A 332 -9.53 -11.43 -2.52
C LEU A 332 -9.84 -11.85 -1.08
N LYS A 333 -9.81 -13.15 -0.81
CA LYS A 333 -9.98 -13.60 0.57
C LYS A 333 -8.79 -13.21 1.45
N ASP A 334 -7.57 -13.35 0.94
CA ASP A 334 -6.38 -13.07 1.74
C ASP A 334 -6.32 -11.61 2.17
N ILE A 335 -6.71 -10.69 1.29
CA ILE A 335 -6.59 -9.28 1.62
C ILE A 335 -7.89 -8.74 2.20
N ARG A 336 -8.85 -9.62 2.48
N ARG A 336 -8.87 -9.62 2.45
CA ARG A 336 -10.21 -9.28 2.93
CA ARG A 336 -10.19 -9.23 2.96
C ARG A 336 -10.72 -8.03 2.21
C ARG A 336 -10.71 -8.01 2.20
N ALA A 337 -10.75 -8.13 0.88
CA ALA A 337 -11.10 -7.02 0.01
C ALA A 337 -12.46 -6.41 0.37
N LYS A 338 -12.60 -5.12 0.09
CA LYS A 338 -13.81 -4.36 0.38
C LYS A 338 -14.91 -4.71 -0.63
N ASP A 339 -16.16 -4.43 -0.22
CA ASP A 339 -17.31 -4.70 -1.09
C ASP A 339 -17.16 -4.03 -2.44
N SER A 340 -16.78 -2.76 -2.44
CA SER A 340 -16.69 -2.01 -3.70
C SER A 340 -15.63 -2.61 -4.61
N THR A 341 -14.59 -3.23 -4.03
CA THR A 341 -13.59 -3.93 -4.84
C THR A 341 -14.18 -5.20 -5.44
N ILE A 342 -14.89 -6.00 -4.64
CA ILE A 342 -15.55 -7.19 -5.14
C ILE A 342 -16.53 -6.83 -6.26
N GLU A 343 -17.39 -5.83 -6.01
CA GLU A 343 -18.37 -5.47 -7.04
C GLU A 343 -17.69 -4.98 -8.29
N TYR A 344 -16.63 -4.16 -8.14
CA TYR A 344 -15.98 -3.64 -9.34
C TYR A 344 -15.39 -4.77 -10.17
N ILE A 345 -14.72 -5.72 -9.51
CA ILE A 345 -14.07 -6.79 -10.26
C ILE A 345 -15.11 -7.74 -10.83
N GLN A 346 -16.19 -8.00 -10.10
CA GLN A 346 -17.24 -8.86 -10.63
C GLN A 346 -17.86 -8.25 -11.88
N SER A 347 -18.02 -6.92 -11.90
CA SER A 347 -18.56 -6.26 -13.09
C SER A 347 -17.66 -6.45 -14.31
N ILE A 348 -16.36 -6.67 -14.11
CA ILE A 348 -15.47 -6.92 -15.24
C ILE A 348 -15.82 -8.23 -15.92
N PHE A 349 -16.25 -9.23 -15.15
CA PHE A 349 -16.66 -10.52 -15.70
C PHE A 349 -18.17 -10.55 -15.90
N LYS A 350 -18.64 -9.65 -16.75
CA LYS A 350 -20.06 -9.58 -17.11
C LYS A 350 -20.22 -8.96 -18.49
N MET B 1 -10.95 30.19 10.64
CA MET B 1 -10.43 30.56 9.33
C MET B 1 -9.06 29.95 9.11
N LYS B 2 -8.83 29.49 7.89
CA LYS B 2 -7.63 28.77 7.52
C LYS B 2 -6.60 29.73 6.94
N VAL B 3 -5.33 29.50 7.26
CA VAL B 3 -4.23 30.17 6.57
C VAL B 3 -3.37 29.10 5.92
N LEU B 4 -2.59 29.53 4.93
CA LEU B 4 -1.63 28.68 4.25
C LEU B 4 -0.24 28.95 4.81
N VAL B 5 0.43 27.90 5.28
CA VAL B 5 1.83 27.96 5.66
C VAL B 5 2.65 27.61 4.43
N ASN B 6 3.53 28.51 4.00
CA ASN B 6 4.40 28.23 2.88
C ASN B 6 5.40 27.14 3.25
N HIS B 7 5.33 26.01 2.54
CA HIS B 7 6.16 24.86 2.88
C HIS B 7 7.63 25.08 2.53
N GLU B 8 7.91 25.85 1.49
CA GLU B 8 9.30 26.11 1.13
C GLU B 8 9.98 27.00 2.18
N GLN B 9 9.23 27.98 2.71
CA GLN B 9 9.76 28.79 3.81
C GLN B 9 9.93 27.94 5.07
N ALA B 10 8.97 27.05 5.36
CA ALA B 10 9.06 26.21 6.54
C ALA B 10 10.29 25.32 6.49
N TYR B 11 10.61 24.80 5.30
CA TYR B 11 11.83 24.03 5.14
C TYR B 11 13.06 24.86 5.50
N ASN B 12 13.15 26.09 4.99
CA ASN B 12 14.29 26.93 5.32
C ASN B 12 14.34 27.21 6.84
N VAL B 13 13.19 27.39 7.47
CA VAL B 13 13.18 27.66 8.90
C VAL B 13 13.71 26.47 9.68
N ILE B 14 13.24 25.26 9.38
CA ILE B 14 13.67 24.14 10.21
C ILE B 14 15.13 23.76 9.91
N ILE B 15 15.61 23.97 8.69
CA ILE B 15 17.03 23.72 8.44
C ILE B 15 17.88 24.68 9.26
N ASN B 16 17.50 25.96 9.30
CA ASN B 16 18.18 26.90 10.19
C ASN B 16 18.09 26.46 11.64
N ALA B 17 16.91 26.00 12.06
CA ALA B 17 16.74 25.61 13.46
C ALA B 17 17.61 24.42 13.81
N ILE B 18 17.77 23.49 12.87
CA ILE B 18 18.59 22.31 13.14
C ILE B 18 20.05 22.71 13.28
N ASN B 19 20.53 23.59 12.39
CA ASN B 19 21.91 24.06 12.50
C ASN B 19 22.14 24.83 13.80
N ASP B 20 21.17 25.62 14.23
CA ASP B 20 21.28 26.27 15.54
C ASP B 20 21.27 25.24 16.67
N ALA B 21 20.42 24.21 16.55
CA ALA B 21 20.38 23.18 17.58
C ALA B 21 21.71 22.45 17.69
N LYS B 22 22.34 22.17 16.55
CA LYS B 22 23.59 21.41 16.54
C LYS B 22 24.76 22.16 17.16
N LYS B 23 24.66 23.48 17.29
CA LYS B 23 25.70 24.26 17.96
C LYS B 23 25.19 24.95 19.22
N LEU B 24 24.02 24.57 19.71
CA LEU B 24 23.39 25.26 20.84
C LEU B 24 24.24 25.14 22.10
N THR B 25 24.53 26.28 22.72
CA THR B 25 25.32 26.30 23.94
C THR B 25 24.44 26.29 25.19
N ASP B 26 23.30 26.95 25.13
CA ASP B 26 22.42 27.13 26.28
C ASP B 26 21.01 26.75 25.84
N TYR B 27 20.52 25.61 26.31
CA TYR B 27 19.17 25.17 25.99
C TYR B 27 18.16 25.57 27.06
N LYS B 28 18.56 26.38 28.04
CA LYS B 28 17.68 26.77 29.12
C LYS B 28 17.20 28.21 28.99
N THR B 29 17.29 28.78 27.80
CA THR B 29 16.94 30.19 27.62
C THR B 29 15.44 30.45 27.60
N ASN B 30 14.61 29.42 27.49
CA ASN B 30 13.17 29.58 27.48
C ASN B 30 12.56 28.77 28.61
N ASN B 31 11.58 29.35 29.32
CA ASN B 31 11.09 28.68 30.52
C ASN B 31 10.22 27.46 30.21
N GLN B 32 10.01 27.12 28.94
CA GLN B 32 9.36 25.88 28.58
C GLN B 32 10.32 24.71 28.43
N TRP B 33 11.63 24.93 28.66
CA TRP B 33 12.62 23.94 28.23
C TRP B 33 12.43 22.60 28.92
N VAL B 34 12.00 22.59 30.18
CA VAL B 34 11.79 21.31 30.86
C VAL B 34 10.60 20.57 30.26
N SER B 35 9.51 21.28 29.97
CA SER B 35 8.39 20.63 29.30
C SER B 35 8.79 20.13 27.93
N ILE B 36 9.59 20.91 27.20
CA ILE B 36 10.04 20.48 25.88
C ILE B 36 10.88 19.22 26.00
N GLN B 37 11.79 19.20 26.98
CA GLN B 37 12.61 18.02 27.25
C GLN B 37 11.75 16.79 27.50
N ASN B 38 10.72 16.93 28.33
CA ASN B 38 9.93 15.76 28.72
C ASN B 38 9.09 15.25 27.56
N VAL B 39 8.61 16.14 26.68
CA VAL B 39 7.85 15.67 25.52
C VAL B 39 8.79 14.98 24.53
N ILE B 40 9.90 15.63 24.19
CA ILE B 40 10.76 15.11 23.12
C ILE B 40 11.47 13.84 23.55
N LEU B 41 11.90 13.75 24.81
CA LEU B 41 12.47 12.52 25.33
C LEU B 41 11.43 11.51 25.81
N GLY B 42 10.14 11.84 25.75
CA GLY B 42 9.09 10.94 26.17
C GLY B 42 8.90 9.79 25.19
N THR B 43 7.99 8.87 25.55
CA THR B 43 7.70 7.68 24.76
C THR B 43 6.45 7.81 23.91
N HIS B 44 5.92 9.02 23.75
CA HIS B 44 4.71 9.24 22.96
C HIS B 44 5.12 9.88 21.65
N LEU B 45 5.12 9.07 20.59
CA LEU B 45 5.67 9.51 19.32
C LEU B 45 4.86 10.64 18.72
N THR B 46 3.52 10.56 18.78
CA THR B 46 2.73 11.53 18.02
C THR B 46 2.83 12.94 18.60
N TYR B 47 2.96 13.05 19.94
CA TYR B 47 3.15 14.37 20.54
C TYR B 47 4.48 14.99 20.12
N ARG B 48 5.50 14.18 19.83
CA ARG B 48 6.77 14.74 19.33
C ARG B 48 6.57 15.43 17.99
N TYR B 49 5.91 14.75 17.06
CA TYR B 49 5.67 15.35 15.75
C TYR B 49 4.68 16.50 15.82
N ILE B 50 3.68 16.40 16.70
CA ILE B 50 2.76 17.52 16.88
C ILE B 50 3.51 18.75 17.40
N LEU B 51 4.39 18.54 18.37
CA LEU B 51 5.12 19.65 18.96
C LEU B 51 6.01 20.32 17.92
N ILE B 52 6.81 19.52 17.22
CA ILE B 52 7.76 20.06 16.24
C ILE B 52 7.01 20.81 15.15
N THR B 53 5.94 20.20 14.63
CA THR B 53 5.20 20.78 13.52
C THR B 53 4.56 22.10 13.92
N GLY B 54 3.92 22.14 15.10
CA GLY B 54 3.27 23.36 15.53
C GLY B 54 4.24 24.49 15.80
N LEU B 55 5.41 24.17 16.37
CA LEU B 55 6.42 25.19 16.56
C LEU B 55 6.99 25.64 15.22
N LEU B 56 7.13 24.69 14.29
CA LEU B 56 7.62 25.03 12.95
C LEU B 56 6.66 25.98 12.26
N ALA B 57 5.36 25.69 12.33
CA ALA B 57 4.38 26.51 11.63
C ALA B 57 4.35 27.93 12.20
N LYS B 58 4.37 28.06 13.52
CA LYS B 58 4.33 29.40 14.10
C LYS B 58 5.63 30.15 13.87
N ALA B 59 6.76 29.46 13.89
CA ALA B 59 8.03 30.13 13.57
C ALA B 59 8.04 30.57 12.12
N THR B 60 7.36 29.82 11.24
CA THR B 60 7.33 30.18 9.83
C THR B 60 6.35 31.31 9.54
N ASP B 61 5.19 31.30 10.20
CA ASP B 61 4.09 32.18 9.81
C ASP B 61 3.41 32.69 11.07
N PRO B 62 3.43 34.00 11.32
CA PRO B 62 2.90 34.51 12.59
C PRO B 62 1.38 34.44 12.68
N ARG B 63 0.68 34.26 11.55
CA ARG B 63 -0.77 34.13 11.57
C ARG B 63 -1.25 32.78 12.14
N VAL B 64 -0.39 31.78 12.24
CA VAL B 64 -0.91 30.46 12.59
CA VAL B 64 -0.81 30.44 12.62
C VAL B 64 -1.25 30.38 14.07
N ASN B 65 -2.21 29.51 14.36
CA ASN B 65 -2.54 29.10 15.72
C ASN B 65 -1.84 27.78 15.95
N PRO B 66 -0.79 27.72 16.77
CA PRO B 66 -0.01 26.47 16.89
C PRO B 66 -0.79 25.29 17.44
N LEU B 67 -1.98 25.50 18.02
CA LEU B 67 -2.75 24.40 18.56
C LEU B 67 -3.66 23.76 17.52
N ALA B 68 -3.76 24.35 16.32
CA ALA B 68 -4.61 23.81 15.27
C ALA B 68 -3.91 22.65 14.58
N LEU B 69 -4.63 21.54 14.42
CA LEU B 69 -4.13 20.40 13.68
C LEU B 69 -4.75 20.30 12.29
N GLN B 70 -5.91 20.92 12.07
CA GLN B 70 -6.61 20.78 10.81
C GLN B 70 -7.03 22.14 10.31
N ALA B 71 -7.04 22.29 8.98
CA ALA B 71 -7.34 23.58 8.39
C ALA B 71 -8.73 24.07 8.73
N ASN B 72 -9.67 23.16 8.94
CA ASN B 72 -11.06 23.54 9.20
C ASN B 72 -11.39 23.71 10.68
N ALA B 73 -10.38 23.76 11.54
CA ALA B 73 -10.62 24.00 12.95
C ALA B 73 -11.29 25.36 13.13
N PRO B 74 -12.26 25.49 14.05
CA PRO B 74 -13.00 26.75 14.19
C PRO B 74 -12.27 27.77 15.06
N VAL B 75 -11.06 28.14 14.64
CA VAL B 75 -10.25 29.14 15.32
C VAL B 75 -9.57 29.98 14.24
N ASP B 76 -9.15 31.19 14.63
CA ASP B 76 -8.28 31.98 13.78
C ASP B 76 -6.92 31.29 13.62
N GLY B 77 -6.38 31.35 12.41
CA GLY B 77 -5.08 30.79 12.13
C GLY B 77 -5.03 29.28 12.08
N ALA B 78 -6.16 28.61 11.82
CA ALA B 78 -6.11 27.19 11.54
C ALA B 78 -5.30 26.95 10.28
N TYR B 79 -4.75 25.74 10.17
CA TYR B 79 -3.93 25.38 9.01
C TYR B 79 -3.81 23.86 8.99
N ASP B 80 -3.38 23.33 7.84
CA ASP B 80 -3.24 21.89 7.65
C ASP B 80 -1.87 21.44 8.15
N ALA B 81 -1.79 21.08 9.43
CA ALA B 81 -0.52 20.68 10.01
C ALA B 81 -0.07 19.34 9.47
N ARG B 82 -1.03 18.44 9.16
CA ARG B 82 -0.68 17.15 8.56
C ARG B 82 0.17 17.34 7.32
N SER B 83 -0.23 18.26 6.45
CA SER B 83 0.48 18.40 5.19
C SER B 83 1.82 19.09 5.39
N LEU B 84 1.92 20.00 6.38
CA LEU B 84 3.22 20.58 6.74
C LEU B 84 4.18 19.51 7.22
N CYS B 85 3.72 18.63 8.12
CA CYS B 85 4.61 17.63 8.70
C CYS B 85 5.02 16.60 7.64
N HIS B 86 4.07 16.09 6.86
CA HIS B 86 4.38 15.03 5.91
C HIS B 86 5.24 15.54 4.75
N SER B 87 4.96 16.74 4.24
CA SER B 87 5.74 17.13 3.07
C SER B 87 7.10 17.75 3.45
N VAL B 88 7.24 18.35 4.63
CA VAL B 88 8.51 18.97 5.01
C VAL B 88 9.30 18.10 5.99
N ILE B 89 8.75 17.83 7.17
CA ILE B 89 9.51 17.11 8.19
C ILE B 89 9.75 15.66 7.77
N VAL B 90 8.67 14.93 7.47
CA VAL B 90 8.80 13.54 7.04
C VAL B 90 9.44 13.46 5.66
N GLY B 91 8.95 14.26 4.73
CA GLY B 91 9.41 14.13 3.35
C GLY B 91 10.87 14.46 3.16
N LYS B 92 11.38 15.47 3.87
CA LYS B 92 12.65 16.06 3.46
C LYS B 92 13.66 16.29 4.57
N VAL B 93 13.31 16.08 5.84
CA VAL B 93 14.13 16.63 6.92
C VAL B 93 14.55 15.56 7.91
N GLU B 94 13.59 14.78 8.42
CA GLU B 94 13.89 13.91 9.55
C GLU B 94 14.97 12.89 9.22
N GLY B 95 14.86 12.27 8.06
CA GLY B 95 15.82 11.28 7.62
C GLY B 95 17.18 11.89 7.36
N PRO B 96 17.25 12.87 6.46
CA PRO B 96 18.58 13.39 6.07
C PRO B 96 19.30 14.16 7.17
N PHE B 97 18.56 14.80 8.08
CA PHE B 97 19.18 15.73 9.02
C PHE B 97 19.03 15.36 10.49
N LEU B 98 18.04 14.57 10.86
CA LEU B 98 17.80 14.19 12.25
C LEU B 98 18.03 12.72 12.52
N GLU B 99 18.50 11.95 11.52
CA GLU B 99 18.79 10.52 11.68
C GLU B 99 17.58 9.71 12.17
N GLY B 100 16.38 10.09 11.77
CA GLY B 100 15.19 9.37 12.23
C GLY B 100 14.95 9.48 13.72
N LYS B 101 15.46 10.51 14.38
CA LYS B 101 15.44 10.49 15.83
C LYS B 101 14.12 10.95 16.42
N LEU B 102 13.21 11.50 15.62
CA LEU B 102 11.85 11.71 16.10
C LEU B 102 11.07 10.40 16.19
N GLY B 103 11.57 9.33 15.58
CA GLY B 103 10.80 8.11 15.48
C GLY B 103 10.76 7.52 14.07
N ALA B 104 11.08 8.33 13.07
CA ALA B 104 11.11 7.90 11.68
C ALA B 104 9.73 7.41 11.23
N SER B 105 8.67 8.04 11.73
CA SER B 105 7.33 7.74 11.24
C SER B 105 7.15 8.25 9.81
N ASN B 106 6.46 7.47 8.98
CA ASN B 106 6.19 7.89 7.61
C ASN B 106 4.90 8.67 7.46
N GLU B 107 3.93 8.47 8.36
CA GLU B 107 2.63 9.14 8.29
C GLU B 107 2.14 9.51 9.70
N PRO B 108 2.94 10.30 10.46
CA PRO B 108 2.59 10.53 11.87
C PRO B 108 1.26 11.22 12.08
N PHE B 109 0.79 12.03 11.14
CA PHE B 109 -0.47 12.75 11.33
C PHE B 109 -1.69 11.95 10.91
N LEU B 110 -1.53 10.66 10.55
CA LEU B 110 -2.61 9.69 10.60
C LEU B 110 -2.72 9.00 11.95
N ASN B 111 -1.70 9.12 12.81
CA ASN B 111 -1.79 8.52 14.13
C ASN B 111 -2.93 9.16 14.90
N LYS B 112 -3.70 8.34 15.62
CA LYS B 112 -4.88 8.83 16.30
C LYS B 112 -4.71 10.13 17.08
N PRO B 113 -3.66 10.36 17.88
CA PRO B 113 -3.59 11.64 18.61
C PRO B 113 -3.63 12.87 17.71
N ALA B 114 -3.30 12.74 16.43
CA ALA B 114 -3.30 13.87 15.52
C ALA B 114 -4.63 14.08 14.79
N ARG B 115 -5.59 13.16 14.91
CA ARG B 115 -6.78 13.22 14.06
C ARG B 115 -7.92 13.99 14.75
N TYR B 116 -7.61 15.23 15.13
CA TYR B 116 -8.56 16.16 15.72
C TYR B 116 -8.36 17.52 15.08
N MET B 117 -9.35 18.40 15.26
CA MET B 117 -9.21 19.74 14.72
C MET B 117 -8.21 20.55 15.52
N LEU B 118 -8.25 20.44 16.85
CA LEU B 118 -7.37 21.17 17.73
C LEU B 118 -6.60 20.19 18.63
N HIS B 119 -5.38 20.56 18.99
CA HIS B 119 -4.64 19.81 20.00
C HIS B 119 -5.15 20.30 21.36
N SER B 120 -5.90 19.47 22.07
CA SER B 120 -6.54 19.97 23.28
C SER B 120 -6.74 18.82 24.25
N SER B 121 -6.92 19.17 25.53
CA SER B 121 -7.10 18.13 26.55
C SER B 121 -8.46 17.46 26.47
N ASP B 122 -9.37 17.95 25.63
CA ASP B 122 -10.57 17.21 25.29
C ASP B 122 -10.26 15.93 24.51
N ASN B 123 -9.09 15.84 23.92
CA ASN B 123 -8.90 14.69 23.03
C ASN B 123 -8.59 13.44 23.84
N PRO B 124 -9.06 12.28 23.41
CA PRO B 124 -8.80 11.03 24.12
C PRO B 124 -7.30 10.79 24.34
N VAL B 125 -6.98 10.19 25.49
CA VAL B 125 -5.59 9.92 25.87
C VAL B 125 -5.62 8.87 26.97
N ARG B 126 -4.58 8.06 27.03
CA ARG B 126 -4.43 7.13 28.13
C ARG B 126 -4.18 7.87 29.44
N ARG B 127 -4.66 7.30 30.54
CA ARG B 127 -4.28 7.79 31.85
C ARG B 127 -2.77 7.66 32.07
N GLY B 128 -2.24 8.51 32.93
CA GLY B 128 -0.88 8.36 33.42
C GLY B 128 0.11 9.25 32.69
N ASN B 129 1.25 8.68 32.28
N ASN B 129 1.23 8.66 32.27
CA ASN B 129 2.30 9.50 31.67
CA ASN B 129 2.29 9.42 31.62
C ASN B 129 1.85 10.13 30.33
C ASN B 129 1.77 10.16 30.38
N ASP B 130 1.00 9.46 29.55
CA ASP B 130 0.54 10.08 28.29
C ASP B 130 -0.30 11.33 28.55
N LYS B 131 -1.25 11.26 29.50
CA LYS B 131 -2.02 12.43 29.94
C LYS B 131 -1.11 13.63 30.23
N VAL B 132 -0.02 13.41 30.98
CA VAL B 132 0.88 14.50 31.33
C VAL B 132 1.55 15.08 30.07
N LEU B 133 2.08 14.20 29.21
CA LEU B 133 2.73 14.69 27.99
C LEU B 133 1.77 15.48 27.12
N GLN B 134 0.51 15.01 27.03
CA GLN B 134 -0.51 15.78 26.32
C GLN B 134 -0.60 17.20 26.87
N GLN B 135 -0.69 17.35 28.19
CA GLN B 135 -0.84 18.69 28.75
C GLN B 135 0.41 19.52 28.53
N LEU B 136 1.59 18.90 28.67
CA LEU B 136 2.84 19.63 28.46
C LEU B 136 2.93 20.13 27.02
N SER B 137 2.65 19.29 26.04
CA SER B 137 2.78 19.75 24.66
C SER B 137 1.77 20.85 24.33
N ILE B 138 0.55 20.75 24.86
CA ILE B 138 -0.40 21.85 24.74
C ILE B 138 0.19 23.14 25.35
N ASP B 139 0.80 23.05 26.53
CA ASP B 139 1.31 24.25 27.20
C ASP B 139 2.44 24.90 26.42
N ILE B 140 3.33 24.09 25.85
CA ILE B 140 4.41 24.65 25.04
C ILE B 140 3.84 25.38 23.83
N LEU B 141 2.95 24.73 23.09
CA LEU B 141 2.35 25.38 21.92
C LEU B 141 1.58 26.63 22.32
N HIS B 142 0.83 26.56 23.42
CA HIS B 142 0.14 27.74 23.92
C HIS B 142 1.12 28.88 24.21
N ALA B 143 2.32 28.56 24.69
CA ALA B 143 3.28 29.62 24.99
C ALA B 143 3.99 30.15 23.75
N ALA B 144 3.91 29.46 22.61
CA ALA B 144 4.52 29.92 21.37
C ALA B 144 3.64 31.01 20.74
N THR B 145 3.68 32.19 21.37
CA THR B 145 2.78 33.27 20.99
C THR B 145 3.37 34.19 19.93
N THR B 146 4.68 34.16 19.71
CA THR B 146 5.31 34.95 18.65
C THR B 146 6.19 34.06 17.80
N GLN B 147 6.52 34.53 16.60
CA GLN B 147 7.49 33.83 15.77
C GLN B 147 8.79 33.59 16.52
N THR B 148 9.28 34.64 17.19
CA THR B 148 10.55 34.55 17.90
C THR B 148 10.52 33.50 19.00
N LEU B 149 9.43 33.47 19.78
CA LEU B 149 9.29 32.46 20.84
C LEU B 149 9.13 31.06 20.25
N ALA B 150 8.39 30.94 19.14
CA ALA B 150 8.24 29.63 18.52
C ALA B 150 9.59 29.12 18.00
N TYR B 151 10.38 29.98 17.36
CA TYR B 151 11.67 29.54 16.85
C TYR B 151 12.59 29.07 17.98
N GLU B 152 12.70 29.91 19.02
CA GLU B 152 13.53 29.55 20.17
C GLU B 152 13.14 28.19 20.74
N MET B 153 11.84 27.95 20.92
CA MET B 153 11.41 26.66 21.45
C MET B 153 11.67 25.54 20.47
N LEU B 154 11.54 25.84 19.17
CA LEU B 154 11.82 24.84 18.13
C LEU B 154 13.28 24.41 18.20
N VAL B 155 14.19 25.38 18.30
CA VAL B 155 15.60 25.06 18.43
C VAL B 155 15.85 24.20 19.66
N ILE B 156 15.19 24.51 20.78
CA ILE B 156 15.36 23.70 21.98
C ILE B 156 14.82 22.30 21.75
N ALA B 157 13.66 22.18 21.10
CA ALA B 157 13.07 20.88 20.83
C ALA B 157 13.97 20.03 19.95
N LEU B 158 14.57 20.64 18.91
CA LEU B 158 15.46 19.89 18.04
C LEU B 158 16.76 19.51 18.75
N TYR B 159 17.25 20.37 19.64
CA TYR B 159 18.38 20.02 20.48
C TYR B 159 18.12 18.73 21.25
N PHE B 160 16.95 18.62 21.86
CA PHE B 160 16.67 17.39 22.58
C PHE B 160 16.41 16.23 21.62
N THR B 161 15.84 16.50 20.44
CA THR B 161 15.69 15.44 19.45
C THR B 161 17.03 14.80 19.13
N LEU B 162 18.05 15.63 18.88
CA LEU B 162 19.40 15.15 18.58
C LEU B 162 19.98 14.29 19.70
N GLN B 163 19.46 14.38 20.92
CA GLN B 163 19.95 13.57 22.02
C GLN B 163 19.33 12.19 22.09
N ARG B 164 18.21 11.95 21.40
CA ARG B 164 17.62 10.63 21.34
C ARG B 164 18.52 9.69 20.55
N THR B 165 18.30 8.39 20.71
CA THR B 165 19.00 7.39 19.91
C THR B 165 18.00 6.72 18.99
N ASN B 166 18.42 6.40 17.76
CA ASN B 166 17.60 5.64 16.81
C ASN B 166 18.37 4.38 16.46
N ARG B 167 18.29 3.40 17.36
CA ARG B 167 19.07 2.17 17.27
C ARG B 167 18.61 1.29 16.11
N VAL B 168 19.10 1.56 14.91
CA VAL B 168 18.96 0.66 13.78
C VAL B 168 20.35 0.18 13.39
N ILE B 169 20.51 -1.12 13.20
CA ILE B 169 21.82 -1.69 12.89
C ILE B 169 22.02 -1.67 11.38
N THR B 170 23.12 -1.06 10.94
CA THR B 170 23.48 -0.92 9.53
C THR B 170 23.93 -2.25 8.95
N PRO B 171 23.12 -2.89 8.10
CA PRO B 171 23.55 -4.18 7.54
C PRO B 171 24.77 -4.00 6.65
N ASN B 172 25.33 -5.14 6.28
CA ASN B 172 26.32 -5.20 5.21
CA ASN B 172 26.34 -5.07 5.24
C ASN B 172 25.68 -4.78 3.89
N SER B 173 26.50 -4.27 2.98
CA SER B 173 26.05 -4.00 1.63
C SER B 173 25.64 -5.31 0.96
N ILE B 174 24.76 -5.18 -0.03
CA ILE B 174 24.35 -6.36 -0.80
C ILE B 174 25.59 -7.00 -1.42
N ASN B 175 25.68 -8.33 -1.34
CA ASN B 175 26.79 -9.04 -1.97
C ASN B 175 26.82 -8.82 -3.47
N PHE B 176 25.65 -8.95 -4.11
CA PHE B 176 25.52 -8.96 -5.56
C PHE B 176 24.62 -7.81 -5.98
N ASP B 177 25.21 -6.78 -6.61
CA ASP B 177 24.49 -5.59 -7.07
C ASP B 177 24.19 -5.79 -8.56
N PHE B 178 23.07 -6.46 -8.85
CA PHE B 178 22.70 -6.70 -10.24
C PHE B 178 22.44 -5.39 -10.99
N HIS B 179 21.75 -4.44 -10.35
CA HIS B 179 21.46 -3.18 -11.02
C HIS B 179 22.73 -2.51 -11.53
N LYS B 180 23.80 -2.58 -10.74
CA LYS B 180 25.08 -2.01 -11.16
C LYS B 180 25.63 -2.73 -12.38
N ILE B 181 25.64 -4.07 -12.34
CA ILE B 181 26.09 -4.88 -13.46
C ILE B 181 25.38 -4.47 -14.75
N ILE B 182 24.05 -4.36 -14.69
CA ILE B 182 23.27 -4.03 -15.88
C ILE B 182 23.54 -2.60 -16.32
N TYR B 183 23.52 -1.66 -15.38
CA TYR B 183 23.87 -0.28 -15.73
C TYR B 183 25.21 -0.21 -16.46
N ASN B 184 26.21 -0.95 -15.96
CA ASN B 184 27.53 -0.90 -16.57
C ASN B 184 27.53 -1.53 -17.96
N ILE B 185 26.76 -2.60 -18.15
CA ILE B 185 26.75 -3.27 -19.43
C ILE B 185 26.14 -2.37 -20.50
N ILE B 186 25.05 -1.66 -20.19
CA ILE B 186 24.28 -0.97 -21.21
C ILE B 186 24.60 0.52 -21.27
N SER B 187 25.57 1.00 -20.48
CA SER B 187 25.94 2.40 -20.60
C SER B 187 26.58 2.69 -21.96
N HIS B 188 27.23 1.72 -22.57
CA HIS B 188 27.68 1.85 -23.95
C HIS B 188 26.83 0.96 -24.84
N PRO B 189 26.31 1.48 -25.96
CA PRO B 189 25.36 0.69 -26.76
C PRO B 189 26.01 -0.43 -27.56
N CYS B 190 27.27 -0.28 -27.96
CA CYS B 190 27.99 -1.28 -28.76
C CYS B 190 27.12 -1.85 -29.87
N ASP B 191 26.48 -0.96 -30.63
CA ASP B 191 25.70 -1.35 -31.80
C ASP B 191 24.53 -2.25 -31.41
N GLY B 192 23.89 -1.92 -30.28
CA GLY B 192 22.75 -2.68 -29.81
C GLY B 192 23.06 -4.05 -29.25
N GLU B 193 24.33 -4.39 -29.04
CA GLU B 193 24.69 -5.73 -28.58
C GLU B 193 24.74 -5.85 -27.07
N THR B 194 25.01 -4.75 -26.34
CA THR B 194 25.00 -4.84 -24.89
C THR B 194 23.58 -4.96 -24.34
N CYS B 195 22.59 -4.40 -25.03
CA CYS B 195 21.23 -4.60 -24.58
C CYS B 195 20.81 -6.04 -24.75
N ALA B 196 21.18 -6.67 -25.87
CA ALA B 196 20.90 -8.10 -26.03
C ALA B 196 21.58 -8.92 -24.93
N ILE B 197 22.83 -8.59 -24.59
CA ILE B 197 23.52 -9.31 -23.52
C ILE B 197 22.79 -9.15 -22.20
N ALA B 198 22.41 -7.93 -21.86
CA ALA B 198 21.72 -7.68 -20.59
C ALA B 198 20.44 -8.50 -20.50
N ALA B 199 19.61 -8.45 -21.55
CA ALA B 199 18.37 -9.21 -21.56
C ALA B 199 18.63 -10.71 -21.46
N ALA B 200 19.66 -11.21 -22.17
CA ALA B 200 19.89 -12.65 -22.21
C ALA B 200 20.34 -13.19 -20.86
N ILE B 201 21.24 -12.48 -20.16
CA ILE B 201 21.73 -13.02 -18.90
C ILE B 201 20.65 -12.95 -17.84
N SER B 202 19.75 -11.98 -17.91
CA SER B 202 18.65 -11.95 -16.97
C SER B 202 17.74 -13.13 -17.18
N LEU B 203 17.51 -13.51 -18.43
CA LEU B 203 16.73 -14.71 -18.70
C LEU B 203 17.45 -15.95 -18.20
N HIS B 204 18.77 -15.99 -18.32
CA HIS B 204 19.52 -17.13 -17.78
C HIS B 204 19.37 -17.22 -16.27
N LEU B 205 19.46 -16.08 -15.57
CA LEU B 205 19.31 -16.09 -14.11
C LEU B 205 17.96 -16.66 -13.70
N LEU B 206 16.91 -16.33 -14.45
CA LEU B 206 15.56 -16.70 -14.06
C LEU B 206 15.23 -18.12 -14.48
N GLY B 207 15.76 -18.58 -15.62
CA GLY B 207 15.42 -19.87 -16.16
C GLY B 207 16.37 -21.00 -15.84
N GLU B 208 17.45 -20.72 -15.11
CA GLU B 208 18.45 -21.74 -14.81
C GLU B 208 17.85 -22.92 -14.06
N GLN B 209 16.88 -22.68 -13.18
CA GLN B 209 16.24 -23.76 -12.44
C GLN B 209 14.80 -24.00 -12.89
N ARG B 210 14.44 -23.51 -14.08
CA ARG B 210 13.12 -23.75 -14.65
C ARG B 210 13.19 -24.56 -15.93
N GLY B 211 14.38 -25.03 -16.33
CA GLY B 211 14.49 -25.81 -17.54
C GLY B 211 14.36 -25.02 -18.83
N TRP B 212 14.61 -23.72 -18.80
CA TRP B 212 14.58 -22.94 -20.03
C TRP B 212 15.87 -23.12 -20.82
N ILE B 213 15.76 -22.95 -22.13
CA ILE B 213 16.90 -22.84 -23.03
C ILE B 213 16.82 -21.46 -23.68
N ILE B 214 17.84 -20.65 -23.48
CA ILE B 214 17.86 -19.29 -24.02
C ILE B 214 18.77 -19.31 -25.25
N LYS B 215 18.21 -18.92 -26.40
CA LYS B 215 18.98 -18.88 -27.65
C LYS B 215 18.98 -17.43 -28.13
N ALA B 216 20.05 -16.72 -27.83
CA ALA B 216 20.27 -15.39 -28.36
C ALA B 216 20.90 -15.48 -29.74
N HIS B 217 20.63 -14.49 -30.57
CA HIS B 217 21.04 -14.49 -31.97
C HIS B 217 21.71 -13.17 -32.31
N PRO B 218 22.49 -13.12 -33.38
CA PRO B 218 23.11 -11.85 -33.78
C PRO B 218 22.06 -10.76 -33.94
N VAL B 219 22.29 -9.63 -33.28
CA VAL B 219 21.20 -8.71 -32.98
C VAL B 219 20.78 -7.87 -34.18
N ASN B 220 21.64 -7.72 -35.18
CA ASN B 220 21.32 -6.91 -36.36
C ASN B 220 21.35 -7.76 -37.63
N GLN B 221 20.83 -8.99 -37.54
CA GLN B 221 20.71 -9.88 -38.68
C GLN B 221 19.43 -10.69 -38.54
N ALA B 222 18.66 -10.76 -39.62
CA ALA B 222 17.42 -11.53 -39.68
C ALA B 222 17.63 -12.87 -40.37
N GLY B 223 18.64 -13.62 -39.93
CA GLY B 223 18.95 -14.91 -40.53
C GLY B 223 17.99 -16.01 -40.16
N SER B 226 17.35 -19.83 -40.17
CA SER B 226 15.91 -19.64 -40.29
C SER B 226 15.13 -20.38 -39.20
N LYS B 227 15.84 -21.15 -38.37
CA LYS B 227 15.24 -21.70 -37.17
C LYS B 227 15.17 -20.68 -36.04
N GLU B 228 15.79 -19.51 -36.21
CA GLU B 228 15.71 -18.44 -35.24
C GLU B 228 14.53 -17.52 -35.56
N ILE B 229 13.88 -17.01 -34.52
CA ILE B 229 12.69 -16.16 -34.68
C ILE B 229 13.09 -14.69 -34.50
N LEU B 230 13.10 -14.21 -33.26
CA LEU B 230 13.47 -12.84 -32.99
C LEU B 230 14.87 -12.81 -32.39
N ASP B 231 15.24 -11.72 -31.73
CA ASP B 231 16.60 -11.60 -31.21
C ASP B 231 16.91 -12.64 -30.13
N ILE B 232 15.92 -12.98 -29.29
CA ILE B 232 16.10 -13.99 -28.25
C ILE B 232 14.87 -14.88 -28.22
N ASP B 233 15.07 -16.18 -28.38
CA ASP B 233 14.00 -17.17 -28.29
C ASP B 233 14.18 -18.00 -27.02
N VAL B 234 13.09 -18.18 -26.27
CA VAL B 234 13.11 -18.90 -25.00
C VAL B 234 12.36 -20.21 -25.17
N TYR B 235 13.04 -21.32 -24.88
CA TYR B 235 12.49 -22.64 -25.09
C TYR B 235 12.13 -23.26 -23.75
N HIS B 236 10.97 -23.91 -23.71
CA HIS B 236 10.60 -24.82 -22.64
C HIS B 236 10.06 -26.07 -23.30
N ASP B 237 10.63 -27.22 -22.98
CA ASP B 237 10.22 -28.51 -23.56
C ASP B 237 10.41 -28.51 -25.08
N ASP B 238 11.54 -27.99 -25.55
CA ASP B 238 11.92 -27.94 -26.96
C ASP B 238 11.00 -27.04 -27.79
N ILE B 239 10.12 -26.28 -27.16
CA ILE B 239 9.20 -25.39 -27.85
C ILE B 239 9.51 -23.96 -27.45
N VAL B 240 9.67 -23.08 -28.43
CA VAL B 240 9.72 -21.65 -28.16
C VAL B 240 8.36 -21.21 -27.62
N PHE B 241 8.35 -20.64 -26.42
CA PHE B 241 7.13 -20.05 -25.91
C PHE B 241 7.18 -18.53 -25.86
N LEU B 242 8.36 -17.93 -26.01
CA LEU B 242 8.49 -16.49 -25.93
C LEU B 242 9.64 -16.04 -26.83
N SER B 243 9.41 -14.97 -27.59
CA SER B 243 10.43 -14.37 -28.43
C SER B 243 10.60 -12.91 -28.07
N ILE B 244 11.85 -12.45 -27.98
CA ILE B 244 12.17 -11.10 -27.57
C ILE B 244 12.93 -10.40 -28.69
N GLU B 245 12.48 -9.20 -29.03
CA GLU B 245 13.23 -8.29 -29.89
C GLU B 245 13.85 -7.20 -29.03
N VAL B 246 15.15 -6.96 -29.21
CA VAL B 246 15.90 -6.03 -28.39
C VAL B 246 16.28 -4.84 -29.27
N LYS B 247 15.58 -3.72 -29.10
CA LYS B 247 15.83 -2.51 -29.87
C LYS B 247 16.57 -1.51 -29.00
N ASP B 248 17.74 -1.07 -29.47
CA ASP B 248 18.48 0.00 -28.82
C ASP B 248 18.73 1.16 -29.77
N LYS B 249 17.91 1.29 -30.80
CA LYS B 249 17.92 2.40 -31.74
C LYS B 249 16.47 2.74 -32.05
N PRO B 250 16.21 3.93 -32.60
CA PRO B 250 14.82 4.26 -32.97
C PRO B 250 14.16 3.19 -33.82
N PHE B 251 12.83 3.15 -33.79
CA PHE B 251 12.06 2.18 -34.56
C PHE B 251 10.62 2.65 -34.64
N ASN B 252 9.85 2.05 -35.53
CA ASN B 252 8.46 2.42 -35.75
C ASN B 252 7.61 1.17 -35.73
N TYR B 253 6.30 1.32 -35.98
CA TYR B 253 5.42 0.17 -35.85
C TYR B 253 5.57 -0.82 -36.99
N GLN B 254 6.31 -0.48 -38.05
CA GLN B 254 6.62 -1.49 -39.06
C GLN B 254 7.62 -2.51 -38.51
N ASP B 255 8.60 -2.04 -37.73
CA ASP B 255 9.50 -2.96 -37.05
C ASP B 255 8.76 -3.84 -36.05
N VAL B 256 7.72 -3.30 -35.41
CA VAL B 256 6.94 -4.09 -34.45
C VAL B 256 6.10 -5.12 -35.18
N ASN B 257 5.32 -4.69 -36.17
CA ASN B 257 4.48 -5.62 -36.91
C ASN B 257 5.30 -6.69 -37.62
N HIS B 258 6.50 -6.33 -38.08
CA HIS B 258 7.40 -7.33 -38.64
C HIS B 258 7.78 -8.39 -37.60
N ALA B 259 8.13 -7.96 -36.38
CA ALA B 259 8.47 -8.94 -35.34
C ALA B 259 7.25 -9.78 -34.96
N VAL B 260 6.08 -9.16 -34.87
CA VAL B 260 4.87 -9.91 -34.51
C VAL B 260 4.54 -10.93 -35.60
N SER B 261 4.69 -10.54 -36.86
CA SER B 261 4.33 -11.45 -37.95
C SER B 261 5.24 -12.68 -37.96
N LYS B 262 6.54 -12.49 -37.73
CA LYS B 262 7.45 -13.63 -37.75
C LYS B 262 7.15 -14.60 -36.61
N ALA B 263 6.86 -14.07 -35.42
CA ALA B 263 6.48 -14.94 -34.30
C ALA B 263 5.17 -15.64 -34.59
N SER B 264 4.19 -14.93 -35.13
CA SER B 264 2.92 -15.55 -35.49
C SER B 264 3.13 -16.69 -36.47
N ALA B 265 3.87 -16.42 -37.54
CA ALA B 265 4.14 -17.43 -38.57
C ALA B 265 4.80 -18.68 -38.00
N SER B 266 5.46 -18.58 -36.85
CA SER B 266 6.12 -19.72 -36.23
C SER B 266 5.31 -20.34 -35.11
N GLY B 267 4.11 -19.83 -34.85
CA GLY B 267 3.30 -20.34 -33.76
C GLY B 267 3.71 -19.86 -32.39
N ILE B 268 4.48 -18.77 -32.30
CA ILE B 268 4.83 -18.15 -31.02
C ILE B 268 3.75 -17.13 -30.68
N SER B 269 3.18 -17.23 -29.49
CA SER B 269 2.06 -16.39 -29.11
C SER B 269 2.43 -15.33 -28.09
N LYS B 270 3.70 -15.22 -27.70
CA LYS B 270 4.13 -14.21 -26.74
C LYS B 270 5.40 -13.53 -27.24
N VAL B 271 5.36 -12.20 -27.33
CA VAL B 271 6.47 -11.41 -27.83
C VAL B 271 6.68 -10.22 -26.91
N ILE B 272 7.92 -10.05 -26.44
CA ILE B 272 8.31 -8.87 -25.69
C ILE B 272 9.19 -8.01 -26.59
N PHE B 273 8.89 -6.71 -26.64
CA PHE B 273 9.68 -5.72 -27.33
C PHE B 273 10.42 -4.89 -26.29
N LEU B 274 11.74 -5.06 -26.20
CA LEU B 274 12.54 -4.35 -25.22
C LEU B 274 13.10 -3.05 -25.82
N LYS B 275 12.96 -1.96 -25.07
CA LYS B 275 13.45 -0.64 -25.47
C LYS B 275 14.69 -0.29 -24.67
N GLY B 276 15.82 -0.16 -25.35
CA GLY B 276 17.05 0.24 -24.71
C GLY B 276 17.09 1.73 -24.43
N PRO B 277 18.12 2.14 -23.68
CA PRO B 277 18.27 3.58 -23.38
C PRO B 277 18.32 4.47 -24.60
N ARG B 278 18.78 3.95 -25.75
CA ARG B 278 18.90 4.72 -26.97
C ARG B 278 17.68 4.54 -27.90
N ALA B 279 16.62 3.90 -27.42
CA ALA B 279 15.41 3.67 -28.23
C ALA B 279 14.47 4.85 -28.02
N THR B 280 14.78 5.95 -28.70
CA THR B 280 14.18 7.24 -28.41
C THR B 280 13.43 7.76 -29.62
N ASN B 281 12.72 8.88 -29.41
CA ASN B 281 11.90 9.52 -30.44
C ASN B 281 10.91 8.53 -31.04
N LEU B 282 9.91 8.19 -30.24
CA LEU B 282 8.99 7.09 -30.54
C LEU B 282 7.62 7.64 -30.90
N ASP B 283 7.19 7.38 -32.14
CA ASP B 283 5.85 7.73 -32.60
C ASP B 283 4.79 6.74 -32.11
N ILE B 284 5.21 5.58 -31.61
CA ILE B 284 4.33 4.43 -31.52
C ILE B 284 3.22 4.67 -30.51
N ASP B 285 1.98 4.47 -30.93
CA ASP B 285 0.88 4.20 -30.01
C ASP B 285 1.00 2.74 -29.62
N GLU B 286 1.53 2.49 -28.42
CA GLU B 286 1.86 1.13 -28.05
C GLU B 286 0.61 0.28 -27.91
N SER B 287 -0.47 0.85 -27.37
CA SER B 287 -1.71 0.10 -27.23
C SER B 287 -2.28 -0.31 -28.59
N LEU B 288 -2.07 0.49 -29.64
CA LEU B 288 -2.55 0.10 -30.96
C LEU B 288 -1.74 -1.06 -31.52
N ALA B 289 -0.41 -1.02 -31.36
CA ALA B 289 0.40 -2.16 -31.78
C ALA B 289 -0.01 -3.43 -31.04
N ILE B 290 -0.28 -3.32 -29.75
CA ILE B 290 -0.69 -4.48 -28.95
C ILE B 290 -2.04 -5.00 -29.41
N GLU B 291 -2.98 -4.11 -29.72
CA GLU B 291 -4.29 -4.56 -30.16
C GLU B 291 -4.20 -5.27 -31.50
N ASN B 292 -3.34 -4.77 -32.39
CA ASN B 292 -3.15 -5.43 -33.68
C ASN B 292 -2.49 -6.79 -33.52
N ALA B 293 -1.48 -6.89 -32.65
CA ALA B 293 -0.82 -8.18 -32.47
C ALA B 293 -1.79 -9.22 -31.93
N ALA B 294 -2.75 -8.80 -31.11
CA ALA B 294 -3.72 -9.73 -30.55
C ALA B 294 -4.57 -10.36 -31.65
N THR B 295 -4.93 -9.58 -32.68
CA THR B 295 -5.69 -10.15 -33.77
C THR B 295 -4.88 -11.15 -34.57
N LYS B 296 -3.54 -11.09 -34.49
CA LYS B 296 -2.68 -12.10 -35.08
C LYS B 296 -2.36 -13.24 -34.11
N GLY B 297 -3.05 -13.29 -32.97
CA GLY B 297 -2.81 -14.35 -32.01
C GLY B 297 -1.52 -14.21 -31.22
N VAL B 298 -1.04 -12.99 -31.00
CA VAL B 298 0.23 -12.78 -30.32
C VAL B 298 0.02 -11.84 -29.13
N SER B 299 0.41 -12.28 -27.93
CA SER B 299 0.48 -11.39 -26.77
C SER B 299 1.77 -10.58 -26.87
N LEU B 300 1.62 -9.29 -27.21
CA LEU B 300 2.72 -8.36 -27.32
C LEU B 300 2.76 -7.42 -26.11
N SER B 301 3.96 -7.11 -25.64
CA SER B 301 4.13 -6.11 -24.59
C SER B 301 5.46 -5.41 -24.78
N PHE B 302 5.62 -4.28 -24.08
CA PHE B 302 6.83 -3.46 -24.16
C PHE B 302 7.44 -3.29 -22.78
N SER B 303 8.76 -3.11 -22.75
CA SER B 303 9.45 -2.88 -21.49
C SER B 303 10.79 -2.23 -21.77
N ASP B 304 11.19 -1.30 -20.88
CA ASP B 304 12.58 -0.88 -20.82
C ASP B 304 13.48 -2.08 -20.59
N VAL B 305 14.69 -2.04 -21.17
CA VAL B 305 15.67 -3.07 -20.88
C VAL B 305 15.95 -3.14 -19.37
N MET B 306 16.12 -1.98 -18.73
CA MET B 306 16.46 -1.99 -17.31
C MET B 306 15.33 -2.55 -16.46
N THR B 307 14.08 -2.16 -16.76
CA THR B 307 12.95 -2.68 -16.01
C THR B 307 12.85 -4.20 -16.17
N PHE B 308 13.06 -4.69 -17.39
CA PHE B 308 12.94 -6.11 -17.67
C PHE B 308 14.04 -6.91 -16.99
N THR B 309 15.28 -6.48 -17.14
CA THR B 309 16.38 -7.23 -16.55
C THR B 309 16.26 -7.28 -15.03
N THR B 310 15.90 -6.16 -14.39
CA THR B 310 15.84 -6.16 -12.92
C THR B 310 14.58 -6.85 -12.41
N THR B 311 13.51 -6.88 -13.20
CA THR B 311 12.36 -7.69 -12.82
C THR B 311 12.70 -9.17 -12.86
N CYS B 312 13.42 -9.62 -13.89
CA CYS B 312 13.86 -11.01 -13.93
C CYS B 312 14.76 -11.33 -12.74
N TYR B 313 15.69 -10.44 -12.41
CA TYR B 313 16.56 -10.71 -11.28
C TYR B 313 15.76 -10.77 -9.97
N ALA B 314 14.83 -9.83 -9.77
CA ALA B 314 14.05 -9.85 -8.54
C ALA B 314 13.28 -11.15 -8.38
N LEU B 315 12.88 -11.78 -9.48
CA LEU B 315 12.15 -13.04 -9.43
C LEU B 315 13.08 -14.25 -9.35
N SER B 316 14.39 -14.04 -9.46
CA SER B 316 15.39 -15.10 -9.60
C SER B 316 15.79 -15.69 -8.26
N PRO B 317 16.39 -16.88 -8.28
CA PRO B 317 17.10 -17.38 -7.10
C PRO B 317 18.50 -16.77 -6.99
N LEU B 318 18.93 -16.59 -5.74
CA LEU B 318 20.27 -16.05 -5.50
C LEU B 318 21.38 -16.97 -6.04
N LEU B 319 21.12 -18.27 -6.14
CA LEU B 319 22.17 -19.23 -6.53
C LEU B 319 22.69 -18.96 -7.94
N SER B 320 21.86 -18.38 -8.81
CA SER B 320 22.24 -18.18 -10.22
C SER B 320 23.40 -17.21 -10.38
N ASN B 321 23.78 -16.48 -9.33
CA ASN B 321 24.77 -15.43 -9.47
C ASN B 321 26.18 -15.96 -9.67
N ASP B 322 26.47 -17.22 -9.31
CA ASP B 322 27.82 -17.75 -9.53
C ASP B 322 28.14 -17.85 -11.02
N ARG B 323 27.14 -18.19 -11.83
CA ARG B 323 27.36 -18.54 -13.23
C ARG B 323 27.16 -17.35 -14.18
N ILE B 324 27.13 -16.13 -13.67
CA ILE B 324 26.77 -14.99 -14.52
C ILE B 324 27.81 -14.76 -15.60
N ILE B 325 29.09 -15.00 -15.30
CA ILE B 325 30.14 -14.80 -16.29
C ILE B 325 30.06 -15.85 -17.39
N ASP B 326 29.66 -17.08 -17.05
CA ASP B 326 29.33 -18.07 -18.07
C ASP B 326 28.20 -17.57 -18.95
N PHE B 327 27.17 -16.97 -18.36
CA PHE B 327 26.06 -16.46 -19.16
C PHE B 327 26.53 -15.39 -20.13
N ILE B 328 27.38 -14.48 -19.66
CA ILE B 328 27.90 -13.42 -20.53
C ILE B 328 28.75 -14.02 -21.66
N ASN B 329 29.61 -14.99 -21.33
CA ASN B 329 30.50 -15.54 -22.34
C ASN B 329 29.74 -16.34 -23.39
N ASN B 330 28.75 -17.12 -22.97
CA ASN B 330 27.94 -17.85 -23.94
C ASN B 330 27.14 -16.90 -24.82
N THR B 331 26.63 -15.82 -24.24
CA THR B 331 25.86 -14.84 -25.02
C THR B 331 26.74 -14.17 -26.07
N LEU B 332 27.92 -13.69 -25.65
CA LEU B 332 28.85 -13.07 -26.60
C LEU B 332 29.09 -13.96 -27.83
N LYS B 333 29.26 -15.26 -27.61
CA LYS B 333 29.47 -16.16 -28.76
C LYS B 333 28.18 -16.28 -29.58
N ASP B 334 27.05 -16.51 -28.91
CA ASP B 334 25.81 -16.78 -29.64
C ASP B 334 25.38 -15.60 -30.51
N ILE B 335 25.70 -14.36 -30.13
CA ILE B 335 25.27 -13.20 -30.90
C ILE B 335 26.39 -12.75 -31.83
N ARG B 336 27.47 -13.53 -31.88
CA ARG B 336 28.65 -13.26 -32.69
C ARG B 336 29.09 -11.80 -32.52
N ALA B 337 29.35 -11.46 -31.25
CA ALA B 337 29.63 -10.09 -30.87
C ALA B 337 30.85 -9.55 -31.60
N LYS B 338 30.81 -8.25 -31.88
CA LYS B 338 31.95 -7.59 -32.52
C LYS B 338 33.15 -7.58 -31.57
N ASP B 339 34.35 -7.52 -32.17
CA ASP B 339 35.56 -7.56 -31.36
C ASP B 339 35.60 -6.44 -30.33
N SER B 340 35.12 -5.25 -30.70
CA SER B 340 35.08 -4.15 -29.75
C SER B 340 34.04 -4.38 -28.66
N THR B 341 33.04 -5.22 -28.92
CA THR B 341 32.05 -5.52 -27.90
C THR B 341 32.59 -6.50 -26.86
N ILE B 342 33.25 -7.56 -27.31
CA ILE B 342 33.90 -8.49 -26.38
C ILE B 342 34.88 -7.74 -25.49
N GLU B 343 35.59 -6.75 -26.05
CA GLU B 343 36.57 -6.00 -25.28
C GLU B 343 35.90 -5.15 -24.20
N TYR B 344 34.82 -4.44 -24.57
CA TYR B 344 34.16 -3.58 -23.60
C TYR B 344 33.59 -4.41 -22.45
N ILE B 345 33.04 -5.58 -22.76
CA ILE B 345 32.49 -6.45 -21.73
C ILE B 345 33.59 -6.95 -20.81
N GLN B 346 34.72 -7.36 -21.38
CA GLN B 346 35.82 -7.86 -20.55
C GLN B 346 36.43 -6.74 -19.70
N SER B 347 36.33 -5.48 -20.15
CA SER B 347 36.80 -4.35 -19.35
C SER B 347 35.98 -4.13 -18.09
N ILE B 348 34.93 -4.91 -17.88
CA ILE B 348 34.13 -4.85 -16.68
C ILE B 348 34.34 -6.05 -15.77
N PHE B 349 34.56 -7.24 -16.34
CA PHE B 349 34.73 -8.46 -15.56
C PHE B 349 36.10 -9.11 -15.84
CA CA E . 1.60 -0.25 -0.66
CA CA F . -17.59 17.74 14.99
C TRS G . -14.99 3.37 0.14
C1 TRS G . -15.52 2.29 -0.77
C2 TRS G . -14.67 2.71 1.50
C3 TRS G . -16.06 4.46 0.27
N TRS G . -13.77 3.94 -0.48
O1 TRS G . -16.91 2.47 -0.87
O1 TRS G . -14.41 1.45 -1.07
O2 TRS G . -15.85 2.32 2.20
O3 TRS G . -15.74 5.44 1.24
C TRS H . -32.27 5.93 27.27
C1 TRS H . -33.71 6.46 27.29
C2 TRS H . -31.78 5.77 25.83
C3 TRS H . -32.19 4.61 28.05
N TRS H . -31.37 6.90 27.92
O1 TRS H . -34.59 5.60 26.60
O2 TRS H . -31.99 6.96 25.09
O3 TRS H . -33.47 4.17 28.45
C1 GOL I . -3.79 -12.93 -28.09
O1 GOL I . -3.09 -14.08 -27.69
C2 GOL I . -4.92 -12.66 -27.02
O2 GOL I . -4.74 -11.46 -26.34
C3 GOL I . -6.26 -12.66 -27.83
O3 GOL I . -7.26 -12.26 -26.93
C1 GOL J . -44.21 -2.05 13.31
O1 GOL J . -44.70 -1.15 12.34
C2 GOL J . -44.90 -3.42 13.03
O2 GOL J . -45.02 -4.19 14.20
C3 GOL J . -46.28 -3.07 12.37
O3 GOL J . -46.07 -2.94 10.99
C1 GOL K . -35.64 -11.98 23.68
O1 GOL K . -35.96 -12.63 22.46
C2 GOL K . -36.85 -11.03 24.09
O2 GOL K . -38.01 -11.74 24.46
C3 GOL K . -37.08 -10.07 22.87
O3 GOL K . -36.72 -8.78 23.30
C1 GOL L . -40.54 3.72 2.16
O1 GOL L . -40.99 2.53 1.55
C2 GOL L . -41.13 3.79 3.62
O2 GOL L . -40.79 2.67 4.37
C3 GOL L . -40.60 5.12 4.23
O3 GOL L . -41.00 5.16 5.56
CL CL M . -19.46 -9.74 2.88
CA CA N . 27.39 -8.45 2.93
NA NA O . 16.92 -7.30 -33.98
C1 PGE P . 7.49 18.61 -1.35
O1 PGE P . 7.85 18.72 -2.73
C2 PGE P . 7.48 19.97 -0.66
O2 PGE P . 8.81 20.44 -0.48
C3 PGE P . 9.00 21.37 0.57
C4 PGE P . 10.17 22.30 0.27
O4 PGE P . 13.84 20.72 -1.51
C6 PGE P . 13.75 21.53 -0.35
C5 PGE P . 12.49 22.38 -0.32
O3 PGE P . 11.35 21.58 -0.06
C TRS Q . -3.03 34.25 16.70
C1 TRS Q . -2.24 33.45 17.75
C2 TRS Q . -2.73 35.74 16.81
C3 TRS Q . -4.52 33.94 16.84
N TRS Q . -2.62 33.84 15.36
O1 TRS Q . -3.09 32.98 18.78
O2 TRS Q . -1.49 36.00 16.18
O3 TRS Q . -4.70 32.54 16.98
C TRS R . 3.38 4.92 25.96
C1 TRS R . 3.14 4.64 27.47
C2 TRS R . 4.33 3.83 25.41
C3 TRS R . 2.04 4.75 25.25
N TRS R . 3.89 6.29 25.68
O1 TRS R . 3.77 5.45 28.47
O2 TRS R . 5.24 4.25 24.39
O2 TRS R . 3.53 2.74 24.98
O3 TRS R . 0.95 5.01 26.10
C1 GOL S . 5.90 27.73 33.67
O1 GOL S . 6.54 28.12 32.48
C2 GOL S . 5.72 26.18 33.59
O2 GOL S . 6.65 25.59 32.71
C3 GOL S . 5.85 25.68 35.06
O3 GOL S . 5.57 24.30 35.08
C1 GOL T . 11.79 32.79 12.64
O1 GOL T . 12.82 32.71 11.67
C2 GOL T . 12.18 33.95 13.61
O2 GOL T . 13.58 34.09 13.68
C3 GOL T . 11.49 35.22 13.02
O3 GOL T . 11.59 36.24 13.97
C1 GOL U . 14.89 34.36 26.16
O1 GOL U . 14.85 35.64 25.55
C2 GOL U . 14.32 34.52 27.62
O2 GOL U . 15.15 33.92 28.56
C3 GOL U . 12.82 33.92 27.63
O3 GOL U . 12.43 33.32 26.36
C1 GOL V . -5.35 19.18 -8.54
O1 GOL V . -6.46 20.03 -8.87
C2 GOL V . -5.49 18.77 -7.01
O2 GOL V . -5.74 19.89 -6.15
C3 GOL V . -4.16 17.95 -6.70
O3 GOL V . -3.99 17.85 -5.28
CA CA W . 1.63 -1.67 3.00
CL CL X . -5.63 2.21 25.78
#